data_1X26
#
_entry.id   1X26
#
loop_
_entity.id
_entity.type
_entity.pdbx_description
1 polymer "5'-D(*CP*TP*AP*AP*CP*AP*GP*AP*AP*TP*G)-3'"
2 polymer "5'-D(*CP*AP*TP*TP*CP*AP*GP*TP*TP*AP*G)-3'"
3 non-polymer 'N~3~-{3-[(7-METHYL-1,8-NAPHTHYRIDIN-2-YL)AMINO]-3-OXOPROPYL}-N~1~-[(7-OXO-7,8-DIHYDRO-1,8-NAPHTHYRIDIN-2-YL)METHYL]-BET A-ALANINAMIDE'
#
loop_
_entity_poly.entity_id
_entity_poly.type
_entity_poly.pdbx_seq_one_letter_code
_entity_poly.pdbx_strand_id
1 'polydeoxyribonucleotide' (DC)(DT)(DA)(DA)(DC)(DA)(DG)(DA)(DA)(DT)(DG) A
2 'polydeoxyribonucleotide' (DC)(DA)(DT)(DT)(DC)(DA)(DG)(DT)(DT)(DA)(DG) B
#
loop_
_chem_comp.id
_chem_comp.type
_chem_comp.name
_chem_comp.formula
DA DNA linking 2'-DEOXYADENOSINE-5'-MONOPHOSPHATE 'C10 H14 N5 O6 P'
DC DNA linking 2'-DEOXYCYTIDINE-5'-MONOPHOSPHATE 'C9 H14 N3 O7 P'
DG DNA linking 2'-DEOXYGUANOSINE-5'-MONOPHOSPHATE 'C10 H14 N5 O7 P'
DT DNA linking THYMIDINE-5'-MONOPHOSPHATE 'C10 H15 N2 O8 P'
NAZ non-polymer 'N~3~-{3-[(7-METHYL-1,8-NAPHTHYRIDIN-2-YL)AMINO]-3-OXOPROPYL}-N~1~-[(7-OXO-7,8-DIHYDRO-1,8-NAPHTHYRIDIN-2-YL)METHYL]-BET A-ALANINAMIDE' 'C24 H25 N7 O3'
#
# COMPACT_ATOMS: atom_id res chain seq x y z
C1 NAZ C . 0.33 -1.17 2.83
O2 NAZ C . 1.66 -2.64 0.98
C3 NAZ C . 2.52 -5.21 2.84
N4 NAZ C . 2.44 -6.09 1.66
C5 NAZ C . 1.78 -5.61 0.43
C6 NAZ C . 2.74 -5.81 -0.75
C7 NAZ C . 3.02 -4.54 -1.54
C8 NAZ C . 2.16 -2.80 -3.05
C9 NAZ C . 3.22 -1.91 -2.84
N10 NAZ C . 1.26 -2.53 -4.08
C11 NAZ C . 3.35 -0.80 -3.64
C12 NAZ C . 1.39 -1.41 -4.88
C13 NAZ C . 2.44 -0.53 -4.66
C14 NAZ C . 1.67 0.84 -6.48
C15 NAZ C . 2.57 0.59 -5.47
C16 NAZ C . 0.61 -0.02 -6.70
N17 NAZ C . 0.47 -1.15 -5.90
N18 NAZ C . 1.97 -3.99 -2.27
C19 NAZ C . -0.38 0.26 -7.80
O20 NAZ C . 3.96 -3.87 -1.21
C21 NAZ C . 3.09 -3.83 2.44
C22 NAZ C . 1.96 -2.87 2.13
N23 NAZ C . 1.44 -2.09 3.14
C24 NAZ C . -5.56 -1.76 1.00
C25 NAZ C . -5.92 -2.86 1.93
N26 NAZ C . -4.27 -1.25 1.01
C27 NAZ C . -5.00 -3.35 2.78
C28 NAZ C . -3.30 -1.76 1.91
C29 NAZ C . -3.64 -2.79 2.78
C30 NAZ C . -1.39 -2.76 3.66
C31 NAZ C . -2.68 -3.28 3.66
C32 NAZ C . -1.07 -1.73 2.80
N33 NAZ C . -2.02 -1.24 1.92
O34 NAZ C . -6.39 -1.32 0.23
H36 NAZ C . 0.35 -0.47 3.55
H37 NAZ C . 0.55 -0.75 1.95
H38 NAZ C . 3.10 -5.64 3.52
H39 NAZ C . 1.59 -5.10 3.21
H40 NAZ C . 2.95 -6.94 1.65
H41 NAZ C . 1.55 -4.64 0.54
H42 NAZ C . 0.92 -6.13 0.31
H43 NAZ C . 2.36 -6.48 -1.39
H44 NAZ C . 3.62 -6.16 -0.40
H45 NAZ C . 3.89 -2.10 -2.11
H46 NAZ C . 4.12 -0.16 -3.48
H47 NAZ C . 1.76 1.66 -7.06
H48 NAZ C . 3.33 1.22 -5.32
H49 NAZ C . 1.06 -4.38 -2.21
H50 NAZ C . -1.31 0.20 -7.43
H51 NAZ C . -0.27 -0.41 -8.53
H52 NAZ C . -0.23 1.18 -8.16
H53 NAZ C . 3.63 -3.45 3.18
H54 NAZ C . 3.65 -3.93 1.62
H55 NAZ C . 2.01 -1.88 3.92
H56 NAZ C . -6.82 -3.29 1.98
H35 NAZ C . -4.00 -0.43 0.32
H57 NAZ C . -5.31 -4.09 3.38
H58 NAZ C . -0.71 -3.11 4.29
H59 NAZ C . -2.91 -4.03 4.29
C1 NAZ D . 2.09 0.01 -0.16
O2 NAZ D . 2.24 0.92 2.43
C3 NAZ D . 3.96 3.50 1.96
N4 NAZ D . 2.83 3.92 2.80
C5 NAZ D . 2.00 5.07 2.41
C6 NAZ D . 0.63 4.57 1.87
C7 NAZ D . 0.02 3.45 2.67
C8 NAZ D . -2.00 2.17 3.20
C9 NAZ D . -1.34 1.33 4.09
N10 NAZ D . -3.34 1.99 2.98
C11 NAZ D . -2.06 0.34 4.75
C12 NAZ D . -4.06 1.01 3.63
C13 NAZ D . -3.42 0.17 4.52
C14 NAZ D . -5.49 -0.97 4.93
C15 NAZ D . -4.13 -0.82 5.16
C16 NAZ D . -6.13 -0.14 4.03
N17 NAZ D . -5.42 0.85 3.39
N18 NAZ D . -1.33 3.20 2.50
C19 NAZ D . -7.60 -0.31 3.78
O20 NAZ D . 0.59 3.08 3.69
C21 NAZ D . 4.31 2.02 2.26
C22 NAZ D . 3.20 1.15 1.74
N23 NAZ D . 3.16 0.86 0.39
C24 NAZ D . -2.42 0.83 -4.42
C25 NAZ D . -1.76 1.94 -5.13
N26 NAZ D . -1.79 0.25 -3.32
C27 NAZ D . -0.56 2.39 -4.70
C28 NAZ D . -0.53 0.71 -2.87
C29 NAZ D . 0.09 1.77 -3.54
C30 NAZ D . 1.95 1.65 -2.02
C31 NAZ D . 1.32 2.22 -3.11
C32 NAZ D . 1.34 0.60 -1.35
N33 NAZ D . 0.11 0.14 -1.78
O34 NAZ D . -3.50 0.43 -4.79
H36 NAZ D . 1.44 -0.15 0.58
H37 NAZ D . 2.51 -0.84 -0.44
H38 NAZ D . 4.74 4.08 2.14
H39 NAZ D . 3.69 3.59 1.00
H40 NAZ D . 2.51 3.31 3.54
H41 NAZ D . 1.87 5.66 3.20
H42 NAZ D . 2.48 5.59 1.69
H43 NAZ D . 0.75 4.24 0.93
H44 NAZ D . -0.02 5.33 1.86
H45 NAZ D . -0.36 1.45 4.27
H46 NAZ D . -1.59 -0.27 5.40
H47 NAZ D . -6.00 -1.69 5.39
H48 NAZ D . -3.67 -1.42 5.80
H49 NAZ D . -1.88 3.89 2.03
H50 NAZ D . -7.74 -0.76 2.90
H51 NAZ D . -8.04 0.58 3.77
H52 NAZ D . -8.00 -0.88 4.51
H53 NAZ D . 5.16 1.77 1.81
H54 NAZ D . 4.39 1.90 3.25
H55 NAZ D . 3.92 1.14 -0.21
H56 NAZ D . -2.14 2.43 -5.92
H35 NAZ D . -2.29 -0.58 -2.79
H57 NAZ D . -0.18 3.14 -5.23
H58 NAZ D . 2.83 1.99 -1.72
H59 NAZ D . 1.76 2.99 -3.60
C1 NAZ C . 0.96 -0.75 2.97
O2 NAZ C . 2.24 -2.27 1.12
C3 NAZ C . 2.99 -4.88 2.93
N4 NAZ C . 2.92 -5.72 1.71
C5 NAZ C . 2.27 -5.19 0.50
C6 NAZ C . 3.21 -5.45 -0.70
C7 NAZ C . 3.41 -4.26 -1.59
C8 NAZ C . 2.42 -2.63 -3.16
C9 NAZ C . 3.50 -1.74 -3.13
N10 NAZ C . 1.40 -2.43 -4.09
C11 NAZ C . 3.54 -0.68 -4.02
C12 NAZ C . 1.44 -1.37 -4.97
C13 NAZ C . 2.51 -0.49 -4.94
C14 NAZ C . 1.54 0.76 -6.76
C15 NAZ C . 2.55 0.57 -5.84
C16 NAZ C . 0.46 -0.10 -6.79
N17 NAZ C . 0.42 -1.18 -5.90
N18 NAZ C . 2.31 -3.75 -2.28
C19 NAZ C . -0.64 0.11 -7.79
O20 NAZ C . 4.39 -3.56 -1.42
C21 NAZ C . 3.61 -3.52 2.59
C22 NAZ C . 2.51 -2.52 2.27
N23 NAZ C . 2.03 -1.70 3.28
C24 NAZ C . -4.87 -1.21 0.89
C25 NAZ C . -5.29 -2.30 1.79
N26 NAZ C . -3.58 -0.71 0.97
C27 NAZ C . -4.41 -2.81 2.67
C28 NAZ C . -2.65 -1.25 1.89
C29 NAZ C . -3.04 -2.29 2.74
C30 NAZ C . -0.84 -2.31 3.72
C31 NAZ C . -2.13 -2.81 3.65
C32 NAZ C . -0.46 -1.28 2.87
N33 NAZ C . -1.36 -0.77 1.97
O34 NAZ C . -5.66 -0.74 0.10
H36 NAZ C . 0.97 -0.07 3.71
H37 NAZ C . 1.21 -0.31 2.11
H38 NAZ C . 3.55 -5.37 3.60
H39 NAZ C . 2.06 -4.77 3.29
H40 NAZ C . 3.38 -6.61 1.69
H41 NAZ C . 2.12 -4.20 0.61
H42 NAZ C . 1.39 -5.64 0.37
H43 NAZ C . 2.83 -6.20 -1.26
H44 NAZ C . 4.11 -5.73 -0.35
H45 NAZ C . 4.24 -1.87 -2.48
H46 NAZ C . 4.31 -0.05 -4.00
H47 NAZ C . 1.58 1.53 -7.40
H48 NAZ C . 3.32 1.20 -5.82
H49 NAZ C . 1.42 -4.18 -2.14
H50 NAZ C . -1.36 -0.57 -7.65
H51 NAZ C . -0.28 0.00 -8.72
H52 NAZ C . -1.02 1.02 -7.69
H53 NAZ C . 4.14 -3.18 3.37
H54 NAZ C . 4.21 -3.60 1.79
H55 NAZ C . 2.58 -1.55 4.09
H56 NAZ C . -6.20 -2.71 1.81
H35 NAZ C . -3.27 0.10 0.28
H57 NAZ C . -4.77 -3.55 3.25
H58 NAZ C . -0.19 -2.68 4.37
H59 NAZ C . -2.41 -3.54 4.26
C1 NAZ D . 2.75 0.41 -0.58
O2 NAZ D . 3.27 1.07 2.02
C3 NAZ D . 4.65 3.87 1.55
N4 NAZ D . 3.72 4.16 2.65
C5 NAZ D . 2.85 5.35 2.58
C6 NAZ D . 1.47 4.94 2.01
C7 NAZ D . 0.80 3.82 2.78
C8 NAZ D . -1.29 2.62 3.27
C9 NAZ D . -0.70 1.78 4.20
N10 NAZ D . -2.63 2.48 2.98
C11 NAZ D . -1.47 0.80 4.82
C12 NAZ D . -3.40 1.51 3.58
C13 NAZ D . -2.82 0.66 4.51
C14 NAZ D . -4.94 -0.43 4.79
C15 NAZ D . -3.59 -0.30 5.11
C16 NAZ D . -5.51 0.41 3.87
N17 NAZ D . -4.75 1.39 3.27
N18 NAZ D . -0.57 3.65 2.61
C19 NAZ D . -6.97 0.27 3.53
O20 NAZ D . 1.35 3.35 3.75
C21 NAZ D . 5.15 2.42 1.65
C22 NAZ D . 4.05 1.50 1.21
N23 NAZ D . 3.83 1.30 -0.15
C24 NAZ D . -2.27 0.96 -4.23
C25 NAZ D . -1.73 2.02 -5.10
N26 NAZ D . -1.49 0.45 -3.20
C27 NAZ D . -0.49 2.49 -4.88
C28 NAZ D . -0.19 0.95 -2.96
C29 NAZ D . 0.32 1.94 -3.77
C30 NAZ D . 2.36 1.94 -2.53
C31 NAZ D . 1.59 2.44 -3.55
C32 NAZ D . 1.87 0.93 -1.71
N33 NAZ D . 0.59 0.44 -1.93
O34 NAZ D . -3.38 0.52 -4.43
H36 NAZ D . 2.19 0.24 0.22
H37 NAZ D . 3.18 -0.44 -0.88
H38 NAZ D . 5.43 4.50 1.59
H39 NAZ D . 4.17 4.00 0.68
H40 NAZ D . 3.55 3.46 3.34
H41 NAZ D . 2.75 5.73 3.51
H42 NAZ D . 3.28 6.04 2.00
H43 NAZ D . 1.58 4.63 1.08
H44 NAZ D . 0.85 5.72 2.03
H45 NAZ D . 0.26 1.88 4.42
H46 NAZ D . -1.06 0.19 5.49
H47 NAZ D . -5.50 -1.13 5.23
H48 NAZ D . -3.18 -0.92 5.78
H49 NAZ D . -1.09 4.38 2.16
H50 NAZ D . -7.47 -0.06 4.34
H51 NAZ D . -7.08 -0.37 2.78
H52 NAZ D . -7.33 1.16 3.26
H53 NAZ D . 5.95 2.29 1.06
H54 NAZ D . 5.39 2.21 2.59
H55 NAZ D . 4.55 1.56 -0.82
H56 NAZ D . -2.22 2.44 -5.87
H35 NAZ D . -1.90 -0.34 -2.56
H57 NAZ D . -0.18 3.21 -5.50
H58 NAZ D . 3.29 2.30 -2.38
H59 NAZ D . 1.95 3.16 -4.14
C1 NAZ C . 0.48 -0.85 2.77
O2 NAZ C . 1.89 -2.32 0.97
C3 NAZ C . 2.52 -4.97 2.81
N4 NAZ C . 2.51 -5.81 1.60
C5 NAZ C . 1.98 -5.26 0.34
C6 NAZ C . 3.05 -5.42 -0.75
C7 NAZ C . 3.22 -4.20 -1.62
C8 NAZ C . 2.18 -2.60 -3.18
C9 NAZ C . 3.21 -1.66 -3.12
N10 NAZ C . 1.17 -2.44 -4.12
C11 NAZ C . 3.21 -0.59 -4.01
C12 NAZ C . 1.17 -1.37 -5.00
C13 NAZ C . 2.21 -0.44 -4.95
C14 NAZ C . 1.20 0.77 -6.77
C15 NAZ C . 2.21 0.63 -5.83
C16 NAZ C . 0.17 -0.15 -6.82
N17 NAZ C . 0.17 -1.22 -5.94
N18 NAZ C . 2.11 -3.73 -2.31
C19 NAZ C . -0.92 0.01 -7.85
O20 NAZ C . 4.16 -3.46 -1.42
C21 NAZ C . 3.15 -3.60 2.50
C22 NAZ C . 2.08 -2.60 2.13
N23 NAZ C . 1.52 -1.81 3.11
C24 NAZ C . -5.31 -1.18 0.52
C25 NAZ C . -5.76 -2.29 1.39
N26 NAZ C . -4.01 -0.71 0.64
C27 NAZ C . -4.91 -2.83 2.28
C28 NAZ C . -3.11 -1.28 1.58
C29 NAZ C . -3.54 -2.32 2.39
C30 NAZ C . -1.36 -2.39 3.42
C31 NAZ C . -2.66 -2.88 3.31
C32 NAZ C . -0.93 -1.35 2.62
N33 NAZ C . -1.81 -0.81 1.69
O34 NAZ C . -6.07 -0.69 -0.28
H36 NAZ C . 0.47 -0.16 3.51
H37 NAZ C . 0.76 -0.41 1.92
H38 NAZ C . 3.03 -5.44 3.53
H39 NAZ C . 1.57 -4.85 3.11
H40 NAZ C . 2.73 -6.78 1.67
H41 NAZ C . 1.76 -4.29 0.48
H42 NAZ C . 1.15 -5.76 0.11
H43 NAZ C . 2.81 -6.19 -1.34
H44 NAZ C . 3.94 -5.61 -0.30
H45 NAZ C . 3.95 -1.76 -2.45
H46 NAZ C . 3.96 0.08 -3.96
H47 NAZ C . 1.21 1.55 -7.39
H48 NAZ C . 2.93 1.30 -5.80
H49 NAZ C . 1.23 -4.20 -2.19
H50 NAZ C . -1.81 -0.17 -7.41
H51 NAZ C . -0.78 -0.62 -8.59
H52 NAZ C . -0.92 0.95 -8.20
H53 NAZ C . 3.65 -3.27 3.30
H54 NAZ C . 3.78 -3.69 1.73
H55 NAZ C . 2.04 -1.66 3.96
H56 NAZ C . -6.68 -2.70 1.38
H35 NAZ C . -3.67 0.11 -0.01
H57 NAZ C . -5.29 -3.58 2.83
H58 NAZ C . -0.72 -2.80 4.09
H59 NAZ C . -2.96 -3.63 3.91
C1 NAZ D . 2.32 0.50 -0.62
O2 NAZ D . 3.21 0.67 1.96
C3 NAZ D . 4.21 3.87 1.61
N4 NAZ D . 3.28 4.09 2.73
C5 NAZ D . 2.37 5.25 2.71
C6 NAZ D . 1.03 4.84 2.06
C7 NAZ D . 0.33 3.69 2.76
C8 NAZ D . -1.78 2.51 3.16
C9 NAZ D . -1.22 1.62 4.04
N10 NAZ D . -3.12 2.41 2.84
C11 NAZ D . -2.01 0.63 4.61
C12 NAZ D . -3.91 1.43 3.39
C13 NAZ D . -3.35 0.53 4.28
C14 NAZ D . -5.48 -0.55 4.51
C15 NAZ D . -4.15 -0.45 4.83
C16 NAZ D . -6.04 0.34 3.62
N17 NAZ D . -5.26 1.33 3.07
N18 NAZ D . -1.03 3.56 2.55
C19 NAZ D . -7.50 0.24 3.27
O20 NAZ D . 0.87 3.15 3.69
C21 NAZ D . 4.75 2.42 1.65
C22 NAZ D . 3.64 1.49 1.19
N23 NAZ D . 3.39 1.38 -0.16
C24 NAZ D . -2.65 1.01 -4.36
C25 NAZ D . -2.10 2.09 -5.21
N26 NAZ D . -1.89 0.50 -3.31
C27 NAZ D . -0.88 2.57 -4.95
C28 NAZ D . -0.59 1.01 -3.05
C29 NAZ D . -0.08 2.02 -3.85
C30 NAZ D . 1.94 2.03 -2.56
C31 NAZ D . 1.18 2.53 -3.60
C32 NAZ D . 1.44 1.01 -1.75
N33 NAZ D . 0.18 0.51 -2.01
O34 NAZ D . -3.75 0.57 -4.58
H36 NAZ D . 1.73 0.31 0.18
H37 NAZ D . 2.75 -0.36 -0.92
H38 NAZ D . 4.98 4.51 1.69
H39 NAZ D . 3.74 4.04 0.75
H40 NAZ D . 3.13 3.36 3.41
H41 NAZ D . 2.23 5.56 3.65
H42 NAZ D . 2.80 5.99 2.17
H43 NAZ D . 1.19 4.55 1.11
H44 NAZ D . 0.40 5.62 2.06
H45 NAZ D . -0.25 1.68 4.28
H46 NAZ D . -1.61 -0.02 5.25
H47 NAZ D . -6.06 -1.26 4.90
H48 NAZ D . -3.74 -1.10 5.47
H49 NAZ D . -1.54 4.30 2.12
H50 NAZ D . -7.70 0.86 2.51
H51 NAZ D . -8.05 0.49 4.06
H52 NAZ D . -7.71 -0.70 3.00
H53 NAZ D . 5.53 2.32 1.04
H54 NAZ D . 5.00 2.18 2.59
H55 NAZ D . 4.09 1.69 -0.82
H56 NAZ D . -2.57 2.51 -5.98
H35 NAZ D . -2.30 -0.30 -2.69
H57 NAZ D . -0.57 3.29 -5.57
H58 NAZ D . 2.86 2.40 -2.39
H59 NAZ D . 1.55 3.26 -4.17
C1 NAZ C . 0.57 -0.59 2.54
O2 NAZ C . 1.94 -2.09 0.72
C3 NAZ C . 2.68 -4.60 2.73
N4 NAZ C . 2.47 -5.52 1.61
C5 NAZ C . 1.72 -5.07 0.42
C6 NAZ C . 2.60 -5.34 -0.83
C7 NAZ C . 2.86 -4.12 -1.67
C8 NAZ C . 2.00 -2.47 -3.28
C9 NAZ C . 3.06 -1.58 -3.14
N10 NAZ C . 1.06 -2.25 -4.29
C11 NAZ C . 3.17 -0.50 -4.00
C12 NAZ C . 1.17 -1.18 -5.15
C13 NAZ C . 2.23 -0.29 -5.01
C14 NAZ C . 1.40 1.00 -6.88
C15 NAZ C . 2.34 0.79 -5.88
C16 NAZ C . 0.34 0.11 -7.02
N17 NAZ C . 0.24 -0.97 -6.15
N18 NAZ C . 1.82 -3.60 -2.44
C19 NAZ C . -0.68 0.32 -8.10
O20 NAZ C . 3.80 -3.41 -1.39
C21 NAZ C . 3.31 -3.28 2.23
C22 NAZ C . 2.21 -2.30 1.88
N23 NAZ C . 1.63 -1.54 2.88
C24 NAZ C . -5.32 -1.00 0.64
C25 NAZ C . -5.73 -2.10 1.55
N26 NAZ C . -4.03 -0.53 0.67
C27 NAZ C . -4.83 -2.61 2.40
C28 NAZ C . -3.08 -1.06 1.57
C29 NAZ C . -3.45 -2.10 2.43
C30 NAZ C . -1.21 -2.14 3.34
C31 NAZ C . -2.52 -2.62 3.31
C32 NAZ C . -0.85 -1.11 2.47
N33 NAZ C . -1.78 -0.59 1.60
O34 NAZ C . -6.13 -0.54 -0.13
H36 NAZ C . 0.60 0.12 3.24
H37 NAZ C . 0.81 -0.20 1.65
H38 NAZ C . 3.28 -5.04 3.40
H39 NAZ C . 1.80 -4.42 3.16
H40 NAZ C . 2.96 -6.39 1.59
H41 NAZ C . 1.55 -4.09 0.51
H42 NAZ C . 0.86 -5.58 0.38
H43 NAZ C . 2.15 -6.03 -1.41
H44 NAZ C . 3.48 -5.71 -0.52
H45 NAZ C . 3.75 -1.72 -2.42
H46 NAZ C . 3.94 0.14 -3.90
H47 NAZ C . 1.48 1.77 -7.49
H48 NAZ C . 3.09 1.43 -5.79
H49 NAZ C . 0.92 -4.02 -2.37
H50 NAZ C . -0.41 -0.18 -8.92
H51 NAZ C . -0.74 1.30 -8.31
H52 NAZ C . -1.57 -0.01 -7.78
H53 NAZ C . 3.88 -2.88 2.94
H54 NAZ C . 3.86 -3.46 1.41
H55 NAZ C . 2.15 -1.38 3.72
H56 NAZ C . -6.64 -2.50 1.60
H35 NAZ C . -3.72 0.29 -0.01
H57 NAZ C . -5.17 -3.35 2.99
H58 NAZ C . -0.54 -2.52 3.97
H59 NAZ C . -2.77 -3.37 3.93
C1 NAZ D . 2.20 0.55 -0.53
O2 NAZ D . 2.97 0.92 2.08
C3 NAZ D . 4.31 3.96 1.45
N4 NAZ D . 3.29 4.41 2.43
C5 NAZ D . 2.47 5.61 2.16
C6 NAZ D . 1.09 5.18 1.60
C7 NAZ D . 0.44 4.06 2.38
C8 NAZ D . -1.64 2.85 2.89
C9 NAZ D . -1.03 1.98 3.76
N10 NAZ D . -3.00 2.73 2.66
C11 NAZ D . -1.77 1.00 4.40
C12 NAZ D . -3.75 1.76 3.27
C13 NAZ D . -3.14 0.89 4.15
C14 NAZ D . -5.25 -0.19 4.52
C15 NAZ D . -3.89 -0.08 4.77
C16 NAZ D . -5.86 0.69 3.65
N17 NAZ D . -5.10 1.66 3.03
N18 NAZ D . -0.94 3.89 2.22
C19 NAZ D . -7.33 0.57 3.38
O20 NAZ D . 1.01 3.58 3.34
C21 NAZ D . 4.67 2.49 1.70
C22 NAZ D . 3.52 1.63 1.27
N23 NAZ D . 3.33 1.38 -0.08
C24 NAZ D . -2.50 1.23 -4.59
C25 NAZ D . -1.88 2.31 -5.38
N26 NAZ D . -1.82 0.69 -3.50
C27 NAZ D . -0.66 2.77 -5.04
C28 NAZ D . -0.53 1.16 -3.15
C29 NAZ D . 0.06 2.18 -3.89
C30 NAZ D . 1.98 2.11 -2.45
C31 NAZ D . 1.31 2.65 -3.53
C32 NAZ D . 1.41 1.09 -1.71
N33 NAZ D . 0.15 0.63 -2.06
O34 NAZ D . -3.60 0.82 -4.89
H36 NAZ D . 1.58 0.45 0.25
H37 NAZ D . 2.57 -0.34 -0.78
H38 NAZ D . 5.11 4.55 1.55
H39 NAZ D . 3.93 4.08 0.53
H40 NAZ D . 3.04 3.80 3.19
H41 NAZ D . 2.36 6.12 3.01
H42 NAZ D . 2.96 6.18 1.50
H43 NAZ D . 1.20 4.86 0.66
H44 NAZ D . 0.47 5.96 1.62
H45 NAZ D . -0.05 2.06 3.94
H46 NAZ D . -1.33 0.37 5.03
H47 NAZ D . -5.80 -0.89 4.96
H48 NAZ D . -3.46 -0.72 5.40
H49 NAZ D . -1.47 4.62 1.81
H50 NAZ D . -7.64 -0.35 3.61
H51 NAZ D . -7.51 0.75 2.42
H52 NAZ D . -7.82 1.24 3.95
H53 NAZ D . 5.48 2.24 1.17
H54 NAZ D . 4.85 2.34 2.67
H55 NAZ D . 4.04 1.64 -0.73
H56 NAZ D . -2.30 2.75 -6.18
H35 NAZ D . -2.29 -0.11 -2.92
H57 NAZ D . -0.30 3.49 -5.62
H58 NAZ D . 2.89 2.45 -2.20
H59 NAZ D . 1.74 3.38 -4.07
C1 NAZ C . 1.15 -0.41 2.66
O2 NAZ C . 2.40 -1.95 0.78
C3 NAZ C . 3.38 -4.33 2.79
N4 NAZ C . 3.13 -5.30 1.71
C5 NAZ C . 2.30 -4.90 0.56
C6 NAZ C . 3.09 -5.21 -0.73
C7 NAZ C . 3.41 -4.00 -1.57
C8 NAZ C . 2.61 -2.28 -3.14
C9 NAZ C . 3.71 -1.45 -3.00
N10 NAZ C . 1.69 -2.03 -4.16
C11 NAZ C . 3.86 -0.36 -3.87
C12 NAZ C . 1.84 -0.95 -5.01
C13 NAZ C . 2.94 -0.11 -4.87
C14 NAZ C . 2.17 1.21 -6.74
C15 NAZ C . 3.09 0.96 -5.74
C16 NAZ C . 1.07 0.37 -6.88
N17 NAZ C . 0.92 -0.70 -6.01
N18 NAZ C . 2.38 -3.42 -2.31
C19 NAZ C . 0.06 0.64 -7.96
O20 NAZ C . 4.39 -3.34 -1.29
C21 NAZ C . 3.95 -3.02 2.20
C22 NAZ C . 2.82 -2.07 1.91
N23 NAZ C . 2.25 -1.34 2.94
C24 NAZ C . -4.76 -0.98 0.83
C25 NAZ C . -5.12 -2.08 1.76
N26 NAZ C . -3.47 -0.47 0.85
C27 NAZ C . -4.20 -2.57 2.61
C28 NAZ C . -2.50 -0.98 1.74
C29 NAZ C . -2.83 -2.02 2.61
C30 NAZ C . -0.59 -1.99 3.48
C31 NAZ C . -1.87 -2.52 3.48
C32 NAZ C . -0.26 -0.96 2.62
N33 NAZ C . -1.21 -0.47 1.75
O34 NAZ C . -5.59 -0.53 0.07
H36 NAZ C . 1.17 0.29 3.37
H37 NAZ C . 1.35 0.01 1.77
H38 NAZ C . 4.04 -4.74 3.44
H39 NAZ C . 2.51 -4.15 3.27
H40 NAZ C . 3.62 -6.17 1.69
H41 NAZ C . 2.11 -3.91 0.62
H42 NAZ C . 1.44 -5.41 0.58
H43 NAZ C . 2.58 -5.85 -1.30
H44 NAZ C . 3.96 -5.64 -0.47
H45 NAZ C . 4.39 -1.61 -2.29
H46 NAZ C . 4.66 0.23 -3.76
H47 NAZ C . 2.29 1.99 -7.35
H48 NAZ C . 3.88 1.57 -5.64
H49 NAZ C . 1.46 -3.79 -2.23
H50 NAZ C . -0.40 1.51 -7.78
H51 NAZ C . -0.61 -0.10 -7.98
H52 NAZ C . 0.53 0.69 -8.85
H53 NAZ C . 4.58 -2.60 2.85
H54 NAZ C . 4.43 -3.22 1.36
H55 NAZ C . 2.78 -1.18 3.76
H56 NAZ C . -6.02 -2.50 1.82
H35 NAZ C . -3.20 0.35 0.16
H57 NAZ C . -4.51 -3.30 3.20
H58 NAZ C . 0.09 -2.35 4.11
H59 NAZ C . -2.12 -3.26 4.10
C1 NAZ D . 2.84 0.65 -0.39
O2 NAZ D . 3.04 1.75 2.11
C3 NAZ D . 5.11 4.25 0.89
N4 NAZ D . 3.77 4.88 0.72
C5 NAZ D . 3.00 5.36 1.88
C6 NAZ D . 1.49 5.17 1.59
C7 NAZ D . 0.86 4.06 2.39
C8 NAZ D . -1.19 2.88 3.02
C9 NAZ D . -0.54 2.06 3.92
N10 NAZ D . -2.53 2.71 2.78
C11 NAZ D . -1.26 1.08 4.59
C12 NAZ D . -3.25 1.73 3.43
C13 NAZ D . -2.62 0.91 4.35
C14 NAZ D . -4.69 -0.23 4.76
C15 NAZ D . -3.34 -0.07 5.00
C16 NAZ D . -5.33 0.58 3.85
N17 NAZ D . -4.61 1.56 3.19
N18 NAZ D . -0.51 3.90 2.31
C19 NAZ D . -6.79 0.40 3.58
O20 NAZ D . 1.45 3.67 3.38
C21 NAZ D . 5.01 2.99 1.78
C22 NAZ D . 3.87 2.12 1.31
N23 NAZ D . 3.96 1.50 0.08
C24 NAZ D . -1.81 1.40 -4.50
C25 NAZ D . -1.15 2.48 -5.28
N26 NAZ D . -1.14 0.85 -3.41
C27 NAZ D . 0.08 2.92 -4.92
C28 NAZ D . 0.14 1.31 -3.03
C29 NAZ D . 0.75 2.33 -3.76
C30 NAZ D . 2.67 2.22 -2.30
C31 NAZ D . 2.02 2.76 -3.39
C32 NAZ D . 2.06 1.21 -1.57
N33 NAZ D . 0.81 0.76 -1.93
O34 NAZ D . -2.91 1.02 -4.82
H36 NAZ D . 2.22 0.54 0.38
H37 NAZ D . 3.24 -0.23 -0.65
H38 NAZ D . 5.71 4.93 1.30
H39 NAZ D . 5.46 4.01 -0.03
H40 NAZ D . 3.39 4.98 -0.21
H41 NAZ D . 3.28 4.84 2.69
H42 NAZ D . 3.23 6.33 2.03
H43 NAZ D . 1.38 4.93 0.63
H44 NAZ D . 0.99 6.01 1.79
H45 NAZ D . 0.43 2.19 4.09
H46 NAZ D . -0.80 0.49 5.25
H47 NAZ D . -5.20 -0.93 5.23
H48 NAZ D . -2.87 -0.66 5.66
H49 NAZ D . -1.06 4.64 1.90
H50 NAZ D . -7.23 -0.03 4.38
H51 NAZ D . -6.92 -0.18 2.79
H52 NAZ D . -7.21 1.29 3.42
H53 NAZ D . 5.86 2.47 1.73
H54 NAZ D . 4.84 3.27 2.73
H55 NAZ D . 4.71 1.72 -0.55
H56 NAZ D . -1.55 2.93 -6.08
H35 NAZ D . -1.64 0.05 -2.83
H57 NAZ D . 0.45 3.64 -5.48
H58 NAZ D . 3.58 2.54 -2.05
H59 NAZ D . 2.46 3.50 -3.91
C1 NAZ C . 0.61 -0.94 2.89
O2 NAZ C . 1.93 -2.45 1.06
C3 NAZ C . 2.64 -5.09 2.86
N4 NAZ C . 2.62 -5.91 1.65
C5 NAZ C . 2.04 -5.38 0.41
C6 NAZ C . 3.07 -5.55 -0.73
C7 NAZ C . 3.29 -4.30 -1.55
C8 NAZ C . 2.33 -2.62 -3.08
C9 NAZ C . 3.38 -1.72 -2.93
N10 NAZ C . 1.38 -2.39 -4.06
C11 NAZ C . 3.45 -0.60 -3.76
C12 NAZ C . 1.45 -1.28 -4.89
C13 NAZ C . 2.49 -0.38 -4.74
C14 NAZ C . 1.60 0.95 -6.55
C15 NAZ C . 2.56 0.73 -5.57
C16 NAZ C . 0.56 0.06 -6.70
N17 NAZ C . 0.49 -1.06 -5.88
N18 NAZ C . 2.20 -3.78 -2.27
C19 NAZ C . -0.49 0.29 -7.76
O20 NAZ C . 4.23 -3.60 -1.29
C21 NAZ C . 3.26 -3.70 2.55
C22 NAZ C . 2.16 -2.71 2.22
N23 NAZ C . 1.66 -1.90 3.22
C24 NAZ C . -5.21 -1.38 0.72
C25 NAZ C . -5.64 -2.49 1.59
N26 NAZ C . -3.90 -0.88 0.81
C27 NAZ C . -4.76 -3.02 2.48
C28 NAZ C . -3.00 -1.43 1.75
C29 NAZ C . -3.40 -2.48 2.58
C30 NAZ C . -1.20 -2.52 3.59
C31 NAZ C . -2.50 -3.02 3.49
C32 NAZ C . -0.81 -1.47 2.76
N33 NAZ C . -1.71 -0.95 1.85
O34 NAZ C . -5.98 -0.90 -0.08
H36 NAZ C . 0.60 -0.27 3.63
H37 NAZ C . 0.86 -0.50 2.04
H38 NAZ C . 3.18 -5.56 3.56
H39 NAZ C . 1.70 -4.98 3.18
H40 NAZ C . 2.83 -6.89 1.71
H41 NAZ C . 1.84 -4.40 0.54
H42 NAZ C . 1.19 -5.87 0.20
H43 NAZ C . 2.77 -6.27 -1.36
H44 NAZ C . 3.95 -5.82 -0.33
H45 NAZ C . 4.09 -1.86 -2.24
H46 NAZ C . 4.21 0.06 -3.65
H47 NAZ C . 1.66 1.76 -7.14
H48 NAZ C . 3.31 1.38 -5.47
H49 NAZ C . 1.33 -4.23 -2.21
H50 NAZ C . -0.37 -0.38 -8.50
H51 NAZ C . -0.38 1.22 -8.12
H52 NAZ C . -1.39 0.19 -7.36
H53 NAZ C . 3.77 -3.38 3.35
H54 NAZ C . 3.88 -3.78 1.77
H55 NAZ C . 2.23 -1.72 4.02
H56 NAZ C . -6.54 -2.90 1.59
H35 NAZ C . -3.59 -0.06 0.17
H57 NAZ C . -5.12 -3.76 3.04
H58 NAZ C . -0.56 -2.90 4.24
H59 NAZ C . -2.78 -3.77 4.08
C1 NAZ D . 2.45 0.28 -0.27
O2 NAZ D . 3.10 0.56 2.38
C3 NAZ D . 4.33 3.68 1.96
N4 NAZ D . 3.27 4.02 2.94
C5 NAZ D . 2.44 5.22 2.72
C6 NAZ D . 1.08 4.80 2.12
C7 NAZ D . 0.41 3.67 2.84
C8 NAZ D . -1.68 2.44 3.25
C9 NAZ D . -1.09 1.56 4.15
N10 NAZ D . -3.01 2.30 2.94
C11 NAZ D . -1.86 0.56 4.72
C12 NAZ D . -3.79 1.31 3.51
C13 NAZ D . -3.21 0.43 4.40
C14 NAZ D . -5.33 -0.67 4.65
C15 NAZ D . -3.98 -0.56 4.98
C16 NAZ D . -5.89 0.20 3.75
N17 NAZ D . -5.13 1.20 3.19
N18 NAZ D . -0.95 3.48 2.63
C19 NAZ D . -7.36 0.07 3.41
O20 NAZ D . 0.94 3.20 3.83
C21 NAZ D . 4.74 2.21 2.15
C22 NAZ D . 3.65 1.32 1.62
N23 NAZ D . 3.53 1.13 0.26
C24 NAZ D . -2.28 1.08 -4.27
C25 NAZ D . -1.67 2.20 -5.03
N26 NAZ D . -1.59 0.51 -3.21
C27 NAZ D . -0.45 2.65 -4.67
C28 NAZ D . -0.30 0.98 -2.85
C29 NAZ D . 0.28 2.03 -3.54
C30 NAZ D . 2.21 1.91 -2.12
C31 NAZ D . 1.53 2.50 -3.18
C32 NAZ D . 1.65 0.86 -1.43
N33 NAZ D . 0.39 0.41 -1.78
O34 NAZ D . -3.37 0.67 -4.58
H36 NAZ D . 1.83 0.09 0.48
H37 NAZ D . 2.88 -0.57 -0.58
H38 NAZ D . 5.11 4.27 2.10
H39 NAZ D . 3.97 3.82 1.04
H40 NAZ D . 3.01 3.36 3.63
H41 NAZ D . 2.31 5.68 3.60
H42 NAZ D . 2.92 5.85 2.11
H43 NAZ D . 1.21 4.51 1.18
H44 NAZ D . 0.46 5.58 2.13
H45 NAZ D . -0.12 1.64 4.37
H46 NAZ D . -1.45 -0.08 5.38
H47 NAZ D . -5.88 -1.38 5.05
H48 NAZ D . -3.57 -1.18 5.62
H49 NAZ D . -1.47 4.20 2.18
H50 NAZ D . -7.83 0.93 3.62
H51 NAZ D . -7.76 -0.66 3.94
H52 NAZ D . -7.44 -0.13 2.43
H53 NAZ D . 5.59 2.03 1.64
H54 NAZ D . 4.89 2.02 3.11
H55 NAZ D . 4.26 1.43 -0.35
H56 NAZ D . -2.10 2.66 -5.79
H35 NAZ D . -2.05 -0.32 -2.66
H57 NAZ D . -0.10 3.40 -5.23
H58 NAZ D . 3.12 2.24 -1.87
H59 NAZ D . 1.95 3.25 -3.69
C1 NAZ C . 0.89 -0.50 2.51
O2 NAZ C . 2.32 -1.86 0.64
C3 NAZ C . 3.34 -4.26 2.65
N4 NAZ C . 3.09 -5.20 1.55
C5 NAZ C . 2.20 -4.81 0.44
C6 NAZ C . 2.96 -5.09 -0.89
C7 NAZ C . 3.24 -3.85 -1.71
C8 NAZ C . 2.41 -2.15 -3.29
C9 NAZ C . 3.47 -1.26 -3.10
N10 NAZ C . 1.50 -1.92 -4.31
C11 NAZ C . 3.61 -0.17 -3.95
C12 NAZ C . 1.64 -0.83 -5.16
C13 NAZ C . 2.70 0.06 -4.98
C14 NAZ C . 1.91 1.37 -6.84
C15 NAZ C . 2.82 1.15 -5.82
C16 NAZ C . 0.86 0.50 -7.02
N17 NAZ C . 0.72 -0.59 -6.17
N18 NAZ C . 2.20 -3.29 -2.47
C19 NAZ C . -0.14 0.73 -8.12
O20 NAZ C . 4.19 -3.16 -1.41
C21 NAZ C . 3.86 -2.92 2.10
C22 NAZ C . 2.69 -2.00 1.79
N23 NAZ C . 2.01 -1.37 2.82
C24 NAZ C . -5.00 -1.25 0.69
C25 NAZ C . -5.32 -2.37 1.61
N26 NAZ C . -3.72 -0.69 0.71
C27 NAZ C . -4.38 -2.83 2.44
C28 NAZ C . -2.74 -1.18 1.59
C29 NAZ C . -3.03 -2.24 2.45
C30 NAZ C . -0.79 -2.14 3.33
C31 NAZ C . -2.06 -2.71 3.31
C32 NAZ C . -0.50 -1.09 2.47
N33 NAZ C . -1.47 -0.63 1.61
O34 NAZ C . -5.85 -0.82 -0.07
H36 NAZ C . 0.88 0.21 3.22
H37 NAZ C . 1.08 -0.08 1.62
H38 NAZ C . 4.01 -4.67 3.27
H39 NAZ C . 2.47 -4.12 3.15
H40 NAZ C . 3.63 -6.03 1.48
H41 NAZ C . 1.99 -3.84 0.52
H42 NAZ C . 1.36 -5.34 0.49
H43 NAZ C . 2.42 -5.70 -1.46
H44 NAZ C . 3.83 -5.52 -0.67
H45 NAZ C . 4.14 -1.42 -2.37
H46 NAZ C . 4.38 0.46 -3.81
H47 NAZ C . 2.02 2.16 -7.45
H48 NAZ C . 3.59 1.78 -5.71
H49 NAZ C . 1.30 -3.72 -2.44
H50 NAZ C . 0.30 0.56 -9.00
H51 NAZ C . -0.46 1.68 -8.08
H52 NAZ C . -0.92 0.11 -8.01
H53 NAZ C . 4.45 -2.47 2.78
H54 NAZ C . 4.38 -3.07 1.27
H55 NAZ C . 2.48 -1.24 3.69
H56 NAZ C . -6.21 -2.81 1.66
H35 NAZ C . -3.48 0.14 0.03
H57 NAZ C . -4.67 -3.58 3.03
H58 NAZ C . -0.09 -2.49 3.95
H59 NAZ C . -2.27 -3.46 3.94
C1 NAZ D . 2.51 0.77 -0.46
O2 NAZ D . 2.71 1.78 2.09
C3 NAZ D . 4.67 4.38 0.84
N4 NAZ D . 3.33 4.98 0.67
C5 NAZ D . 2.54 5.40 1.85
C6 NAZ D . 1.03 5.14 1.55
C7 NAZ D . 0.45 3.99 2.33
C8 NAZ D . -1.56 2.73 2.93
C9 NAZ D . -0.88 1.90 3.80
N10 NAZ D . -2.91 2.53 2.70
C11 NAZ D . -1.57 0.88 4.44
C12 NAZ D . -3.60 1.52 3.34
C13 NAZ D . -2.93 0.69 4.21
C14 NAZ D . -4.97 -0.52 4.62
C15 NAZ D . -3.61 -0.33 4.85
C16 NAZ D . -5.64 0.32 3.75
N17 NAZ D . -4.95 1.33 3.11
N18 NAZ D . -0.92 3.80 2.23
C19 NAZ D . -7.11 0.12 3.50
O20 NAZ D . 1.05 3.60 3.30
C21 NAZ D . 4.61 3.13 1.75
C22 NAZ D . 3.50 2.22 1.27
N23 NAZ D . 3.58 1.64 0.02
C24 NAZ D . -2.10 1.32 -4.66
C25 NAZ D . -1.49 2.44 -5.41
N26 NAZ D . -1.43 0.78 -3.55
C27 NAZ D . -0.30 2.93 -5.02
C28 NAZ D . -0.18 1.30 -3.14
C29 NAZ D . 0.40 2.36 -3.84
C30 NAZ D . 2.27 2.34 -2.35
C31 NAZ D . 1.61 2.87 -3.45
C32 NAZ D . 1.72 1.29 -1.65
N33 NAZ D . 0.49 0.78 -2.04
O34 NAZ D . -3.17 0.87 -5.00
H36 NAZ D . 1.88 0.63 0.31
H37 NAZ D . 2.92 -0.11 -0.71
H38 NAZ D . 5.28 5.07 1.25
H39 NAZ D . 5.02 4.14 -0.06
H40 NAZ D . 2.97 5.14 -0.25
H41 NAZ D . 2.83 4.86 2.65
H42 NAZ D . 2.71 6.37 2.03
H43 NAZ D . 0.93 4.91 0.58
H44 NAZ D . 0.48 5.95 1.75
H45 NAZ D . 0.09 2.04 3.95
H46 NAZ D . -1.08 0.28 5.07
H47 NAZ D . -5.46 -1.25 5.07
H48 NAZ D . -3.13 -0.93 5.47
H49 NAZ D . -1.49 4.52 1.85
H50 NAZ D . -7.61 0.88 3.88
H51 NAZ D . -7.40 -0.74 3.93
H52 NAZ D . -7.27 0.06 2.51
H53 NAZ D . 5.48 2.64 1.71
H54 NAZ D . 4.43 3.41 2.69
H55 NAZ D . 4.34 1.87 -0.59
H56 NAZ D . -1.89 2.87 -6.20
H35 NAZ D . -1.89 -0.05 -3.01
H57 NAZ D . 0.05 3.69 -5.57
H58 NAZ D . 3.16 2.71 -2.07
H59 NAZ D . 2.03 3.63 -3.96
C1 NAZ C . 1.03 -0.55 2.81
O2 NAZ C . 2.38 -2.07 1.01
C3 NAZ C . 3.02 -4.70 2.86
N4 NAZ C . 2.94 -5.54 1.66
C5 NAZ C . 2.30 -5.01 0.43
C6 NAZ C . 3.26 -5.28 -0.75
C7 NAZ C . 3.49 -4.07 -1.63
C8 NAZ C . 2.55 -2.43 -3.22
C9 NAZ C . 3.64 -1.57 -3.14
N10 NAZ C . 1.57 -2.20 -4.17
C11 NAZ C . 3.73 -0.50 -4.02
C12 NAZ C . 1.66 -1.12 -5.04
C13 NAZ C . 2.74 -0.27 -4.97
C14 NAZ C . 1.85 1.02 -6.79
C15 NAZ C . 2.83 0.80 -5.85
C16 NAZ C . 0.76 0.17 -6.86
N17 NAZ C . 0.66 -0.90 -5.99
N18 NAZ C . 2.41 -3.56 -2.34
C19 NAZ C . -0.32 0.42 -7.90
O20 NAZ C . 4.46 -3.40 -1.43
C21 NAZ C . 3.67 -3.34 2.52
C22 NAZ C . 2.59 -2.33 2.17
N23 NAZ C . 2.07 -1.52 3.15
C24 NAZ C . -4.76 -0.94 0.64
C25 NAZ C . -5.22 -2.03 1.53
N26 NAZ C . -3.46 -0.46 0.73
C27 NAZ C . -4.36 -2.54 2.43
C28 NAZ C . -2.56 -1.01 1.68
C29 NAZ C . -2.98 -2.04 2.52
C30 NAZ C . -0.80 -2.09 3.53
C31 NAZ C . -2.10 -2.58 3.44
C32 NAZ C . -0.38 -1.06 2.69
N33 NAZ C . -1.27 -0.53 1.77
O34 NAZ C . -5.53 -0.45 -0.17
H36 NAZ C . 1.03 0.14 3.54
H37 NAZ C . 1.29 -0.13 1.95
H38 NAZ C . 3.57 -5.18 3.55
H39 NAZ C . 2.10 -4.56 3.21
H40 NAZ C . 3.21 -6.50 1.70
H41 NAZ C . 2.16 -4.04 0.55
H42 NAZ C . 1.42 -5.47 0.30
H43 NAZ C . 2.87 -6.01 -1.33
H44 NAZ C . 4.14 -5.57 -0.40
H45 NAZ C . 4.36 -1.72 -2.46
H46 NAZ C . 4.53 0.13 -3.96
H47 NAZ C . 1.91 1.80 -7.42
H48 NAZ C . 3.60 1.42 -5.79
H49 NAZ C . 1.51 -3.97 -2.23
H50 NAZ C . -0.57 -0.45 -8.32
H51 NAZ C . 0.03 1.04 -8.60
H52 NAZ C . -1.11 0.82 -7.45
H53 NAZ C . 4.18 -3.00 3.31
H54 NAZ C . 4.28 -3.44 1.73
H55 NAZ C . 2.62 -1.34 3.97
H56 NAZ C . -6.13 -2.42 1.53
H35 NAZ C . -3.13 0.35 0.07
H57 NAZ C . -4.73 -3.28 2.99
H58 NAZ C . -0.16 -2.47 4.20
H59 NAZ C . -2.39 -3.31 4.05
C1 NAZ D . 2.87 0.49 -0.47
O2 NAZ D . 3.14 1.59 2.02
C3 NAZ D . 5.16 4.09 0.79
N4 NAZ D . 3.84 4.76 0.77
C5 NAZ D . 3.14 5.08 2.04
C6 NAZ D . 1.61 5.01 1.76
C7 NAZ D . 0.91 3.91 2.51
C8 NAZ D . -1.22 2.82 3.04
C9 NAZ D . -0.66 1.97 3.97
N10 NAZ D . -2.56 2.69 2.73
C11 NAZ D . -1.44 1.01 4.59
C12 NAZ D . -3.35 1.74 3.32
C13 NAZ D . -2.79 0.89 4.26
C14 NAZ D . -4.92 -0.19 4.53
C15 NAZ D . -3.58 -0.07 4.86
C16 NAZ D . -5.47 0.66 3.60
N17 NAZ D . -4.69 1.62 3.00
N18 NAZ D . -0.47 3.83 2.38
C19 NAZ D . -6.94 0.54 3.25
O20 NAZ D . 1.45 3.43 3.48
C21 NAZ D . 5.12 2.80 1.65
C22 NAZ D . 3.96 1.93 1.20
N23 NAZ D . 4.01 1.33 -0.04
C24 NAZ D . -1.97 1.22 -4.35
C25 NAZ D . -1.37 2.31 -5.15
N26 NAZ D . -1.25 0.67 -3.29
C27 NAZ D . -0.14 2.76 -4.85
C28 NAZ D . 0.05 1.14 -2.97
C29 NAZ D . 0.62 2.17 -3.73
C30 NAZ D . 2.60 2.07 -2.37
C31 NAZ D . 1.89 2.63 -3.43
C32 NAZ D . 2.04 1.05 -1.61
N33 NAZ D . 0.77 0.59 -1.92
O34 NAZ D . -3.07 0.81 -4.60
H36 NAZ D . 2.29 0.37 0.33
H37 NAZ D . 3.25 -0.39 -0.75
H38 NAZ D . 5.84 4.73 1.17
H39 NAZ D . 5.42 3.86 -0.15
H40 NAZ D . 3.39 4.94 -0.11
H41 NAZ D . 3.40 4.41 2.73
H42 NAZ D . 3.42 5.99 2.33
H43 NAZ D . 1.46 4.84 0.79
H44 NAZ D . 1.16 5.87 2.01
H45 NAZ D . 0.31 2.06 4.21
H46 NAZ D . -1.04 0.39 5.26
H47 NAZ D . -5.49 -0.88 4.96
H48 NAZ D . -3.18 -0.68 5.53
H49 NAZ D . -0.97 4.60 1.99
H50 NAZ D . -7.05 -0.20 2.58
H51 NAZ D . -7.26 1.40 2.85
H52 NAZ D . -7.46 0.32 4.07
H53 NAZ D . 5.97 2.29 1.55
H54 NAZ D . 5.00 3.05 2.61
H55 NAZ D . 4.72 1.58 -0.71
H56 NAZ D . -1.82 2.75 -5.92
H35 NAZ D . -1.70 -0.14 -2.69
H57 NAZ D . 0.20 3.49 -5.43
H58 NAZ D . 3.51 2.41 -2.15
H59 NAZ D . 2.29 3.36 -3.97
C1 NAZ C . 0.54 -1.05 2.94
O2 NAZ C . 1.83 -2.55 1.07
C3 NAZ C . 2.77 -5.04 3.00
N4 NAZ C . 2.58 -5.95 1.86
C5 NAZ C . 1.81 -5.50 0.69
C6 NAZ C . 2.66 -5.76 -0.56
C7 NAZ C . 2.95 -4.51 -1.37
C8 NAZ C . 2.14 -2.78 -2.93
C9 NAZ C . 3.21 -1.91 -2.74
N10 NAZ C . 1.23 -2.51 -3.95
C11 NAZ C . 3.36 -0.81 -3.57
C12 NAZ C . 1.37 -1.41 -4.78
C13 NAZ C . 2.45 -0.55 -4.58
C14 NAZ C . 1.68 0.81 -6.42
C15 NAZ C . 2.59 0.56 -5.40
C16 NAZ C . 0.62 -0.04 -6.62
N17 NAZ C . 0.47 -1.15 -5.79
N18 NAZ C . 1.93 -3.94 -2.14
C19 NAZ C . -0.37 0.24 -7.72
O20 NAZ C . 3.91 -3.82 -1.05
C21 NAZ C . 3.32 -3.67 2.51
C22 NAZ C . 2.16 -2.74 2.22
N23 NAZ C . 1.65 -1.95 3.23
C24 NAZ C . -5.39 -1.76 1.22
C25 NAZ C . -5.71 -2.85 2.18
N26 NAZ C . -4.11 -1.22 1.21
C27 NAZ C . -4.76 -3.32 3.01
C28 NAZ C . -3.11 -1.71 2.09
C29 NAZ C . -3.41 -2.74 2.98
C30 NAZ C . -1.15 -2.66 3.82
C31 NAZ C . -2.43 -3.21 3.84
C32 NAZ C . -0.85 -1.63 2.93
N33 NAZ C . -1.84 -1.17 2.08
O34 NAZ C . -6.24 -1.35 0.48
H36 NAZ C . 0.56 -0.34 3.65
H37 NAZ C . 0.72 -0.63 2.06
H38 NAZ C . 3.41 -5.45 3.65
H39 NAZ C . 1.88 -4.91 3.44
H40 NAZ C . 3.00 -6.85 1.87
H41 NAZ C . 1.60 -4.53 0.79
H42 NAZ C . 0.95 -6.02 0.65
H43 NAZ C . 2.19 -6.40 -1.18
H44 NAZ C . 3.54 -6.16 -0.28
H45 NAZ C . 3.88 -2.09 -2.01
H46 NAZ C . 4.13 -0.19 -3.42
H47 NAZ C . 1.79 1.61 -7.01
H48 NAZ C . 3.36 1.17 -5.27
H49 NAZ C . 1.02 -4.36 -2.09
H50 NAZ C . -0.85 1.09 -7.53
H51 NAZ C . -1.04 -0.51 -7.77
H52 NAZ C . 0.11 0.31 -8.59
H53 NAZ C . 3.90 -3.27 3.21
H54 NAZ C . 3.84 -3.81 1.66
H55 NAZ C . 2.23 -1.74 4.01
H56 NAZ C . -6.60 -3.30 2.25
H35 NAZ C . -3.87 -0.40 0.50
H57 NAZ C . -5.05 -4.05 3.61
H58 NAZ C . -0.45 -3.00 4.45
H59 NAZ C . -2.64 -3.94 4.48
C1 NAZ D . 2.24 0.11 -0.08
O2 NAZ D . 2.33 1.21 2.41
C3 NAZ D . 4.40 3.74 1.25
N4 NAZ D . 3.06 4.33 1.02
C5 NAZ D . 2.26 4.85 2.16
C6 NAZ D . 0.76 4.58 1.85
C7 NAZ D . 0.17 3.47 2.68
C8 NAZ D . -1.84 2.22 3.31
C9 NAZ D . -1.17 1.42 4.21
N10 NAZ D . -3.19 2.02 3.11
C11 NAZ D . -1.86 0.43 4.89
C12 NAZ D . -3.88 1.04 3.77
C13 NAZ D . -3.21 0.24 4.68
C14 NAZ D . -5.26 -0.93 5.14
C15 NAZ D . -3.90 -0.74 5.36
C16 NAZ D . -5.92 -0.13 4.24
N17 NAZ D . -5.24 0.86 3.57
N18 NAZ D . -1.20 3.25 2.57
C19 NAZ D . -7.40 -0.33 4.00
O20 NAZ D . 0.76 3.11 3.67
C21 NAZ D . 4.29 2.48 2.15
C22 NAZ D . 3.18 1.59 1.65
N23 NAZ D . 3.32 0.97 0.42
C24 NAZ D . -2.35 0.83 -4.29
C25 NAZ D . -1.70 1.94 -5.03
N26 NAZ D . -1.70 0.28 -3.19
C27 NAZ D . -0.50 2.38 -4.63
C28 NAZ D . -0.43 0.75 -2.76
C29 NAZ D . 0.17 1.79 -3.47
C30 NAZ D . 2.06 1.70 -1.98
C31 NAZ D . 1.42 2.26 -3.06
C32 NAZ D . 1.46 0.67 -1.27
N33 NAZ D . 0.22 0.19 -1.67
O34 NAZ D . -3.43 0.43 -4.64
H36 NAZ D . 1.59 -0.03 0.67
H37 NAZ D . 2.65 -0.76 -0.35
H38 NAZ D . 4.98 4.42 1.69
H39 NAZ D . 4.79 3.50 0.36
H40 NAZ D . 2.69 4.39 0.09
H41 NAZ D . 2.54 4.37 2.99
H42 NAZ D . 2.44 5.83 2.26
H43 NAZ D . 0.67 4.31 0.89
H44 NAZ D . 0.21 5.41 2.02
H45 NAZ D . -0.18 1.56 4.36
H46 NAZ D . -1.37 -0.15 5.54
H47 NAZ D . -5.76 -1.64 5.62
H48 NAZ D . -3.42 -1.32 6.01
H49 NAZ D . -1.77 3.96 2.15
H50 NAZ D . -7.73 -1.07 4.60
H51 NAZ D . -7.55 -0.57 3.05
H52 NAZ D . -7.89 0.52 4.23
H53 NAZ D . 5.15 1.96 2.13
H54 NAZ D . 4.09 2.75 3.08
H55 NAZ D . 4.08 1.22 -0.19
H56 NAZ D . -2.09 2.40 -5.82
H35 NAZ D . -2.19 -0.54 -2.64
H57 NAZ D . -0.13 3.14 -5.18
H58 NAZ D . 2.95 2.05 -1.69
H59 NAZ D . 1.85 3.01 -3.57
C1 NAZ C . 0.37 -0.85 2.37
O2 NAZ C . 2.11 -1.94 0.56
C3 NAZ C . 2.91 -4.41 2.62
N4 NAZ C . 2.70 -5.35 1.51
C5 NAZ C . 1.89 -4.95 0.36
C6 NAZ C . 2.71 -5.20 -0.92
C7 NAZ C . 2.92 -3.96 -1.77
C8 NAZ C . 1.98 -2.37 -3.38
C9 NAZ C . 3.00 -1.42 -3.25
N10 NAZ C . 1.03 -2.20 -4.39
C11 NAZ C . 3.06 -0.34 -4.12
C12 NAZ C . 1.10 -1.12 -5.26
C13 NAZ C . 2.12 -0.19 -5.12
C14 NAZ C . 1.22 1.06 -7.00
C15 NAZ C . 2.17 0.90 -6.00
C16 NAZ C . 0.21 0.13 -7.12
N17 NAZ C . 0.15 -0.95 -6.26
N18 NAZ C . 1.86 -3.50 -2.54
C19 NAZ C . -0.82 0.30 -8.21
O20 NAZ C . 3.82 -3.21 -1.49
C21 NAZ C . 3.49 -3.09 2.09
C22 NAZ C . 2.37 -2.13 1.72
N23 NAZ C . 1.47 -1.76 2.71
C24 NAZ C . -5.54 -1.36 0.56
C25 NAZ C . -5.91 -2.47 1.46
N26 NAZ C . -4.25 -0.85 0.59
C27 NAZ C . -4.99 -2.99 2.29
C28 NAZ C . -3.28 -1.39 1.46
C29 NAZ C . -3.61 -2.44 2.30
C30 NAZ C . -1.36 -2.44 3.17
C31 NAZ C . -2.65 -2.96 3.16
C32 NAZ C . -1.03 -1.40 2.33
N33 NAZ C . -2.00 -0.89 1.48
O34 NAZ C . -6.38 -0.89 -0.19
H36 NAZ C . 0.39 -0.13 3.07
H37 NAZ C . 0.59 -0.45 1.48
H38 NAZ C . 3.54 -4.82 3.28
H39 NAZ C . 2.03 -4.24 3.07
H40 NAZ C . 3.25 -6.19 1.47
H41 NAZ C . 1.66 -3.97 0.44
H42 NAZ C . 1.04 -5.49 0.36
H43 NAZ C . 2.26 -5.88 -1.49
H44 NAZ C . 3.62 -5.54 -0.65
H45 NAZ C . 3.69 -1.53 -2.54
H46 NAZ C . 3.80 0.33 -4.01
H47 NAZ C . 1.28 1.84 -7.61
H48 NAZ C . 2.90 1.57 -5.90
H49 NAZ C . 0.97 -3.97 -2.48
H50 NAZ C . -0.76 1.22 -8.59
H51 NAZ C . -1.73 0.15 -7.82
H52 NAZ C . -0.66 -0.38 -8.93
H53 NAZ C . 4.07 -2.66 2.79
H54 NAZ C . 4.04 -3.26 1.27
H55 NAZ C . 1.73 -1.83 3.65
H56 NAZ C . -6.81 -2.91 1.52
H35 NAZ C . -3.98 -0.02 -0.09
H57 NAZ C . -5.30 -3.74 2.87
H58 NAZ C . -0.67 -2.82 3.79
H59 NAZ C . -2.89 -3.72 3.77
C1 NAZ D . 2.02 0.65 -0.63
O2 NAZ D . 2.58 1.27 1.98
C3 NAZ D . 4.40 4.05 0.75
N4 NAZ D . 3.06 4.66 0.66
C5 NAZ D . 2.28 4.98 1.88
C6 NAZ D . 0.77 4.78 1.57
C7 NAZ D . 0.15 3.64 2.31
C8 NAZ D . -1.91 2.47 2.91
C9 NAZ D . -1.29 1.58 3.74
N10 NAZ D . -3.27 2.35 2.68
C11 NAZ D . -2.01 0.57 4.35
C12 NAZ D . -4.01 1.34 3.28
C13 NAZ D . -3.38 0.46 4.12
C14 NAZ D . -5.47 -0.66 4.49
C15 NAZ D . -4.11 -0.54 4.72
C16 NAZ D . -6.11 0.24 3.65
N17 NAZ D . -5.37 1.23 3.06
N18 NAZ D . -1.23 3.51 2.25
C19 NAZ D . -7.59 0.12 3.40
O20 NAZ D . 0.76 3.14 3.24
C21 NAZ D . 4.37 2.76 1.61
C22 NAZ D . 3.22 1.87 1.16
N23 NAZ D . 3.12 1.52 -0.18
C24 NAZ D . -2.69 1.05 -4.71
C25 NAZ D . -2.13 2.16 -5.51
N26 NAZ D . -1.99 0.56 -3.62
C27 NAZ D . -0.94 2.69 -5.15
C28 NAZ D . -0.74 1.10 -3.25
C29 NAZ D . -0.21 2.16 -4.00
C30 NAZ D . 1.72 2.19 -2.56
C31 NAZ D . 1.02 2.69 -3.65
C32 NAZ D . 1.21 1.15 -1.81
N33 NAZ D . -0.03 0.61 -2.17
O34 NAZ D . -3.76 0.57 -5.01
H36 NAZ D . 1.40 0.54 0.16
H37 NAZ D . 2.42 -0.23 -0.87
H38 NAZ D . 5.02 4.72 1.16
H39 NAZ D . 4.71 3.84 -0.18
H40 NAZ D . 2.68 4.92 -0.24
H41 NAZ D . 2.58 4.36 2.62
H42 NAZ D . 2.48 5.93 2.15
H43 NAZ D . 0.68 4.60 0.59
H44 NAZ D . 0.25 5.61 1.79
H45 NAZ D . -0.30 1.65 3.90
H46 NAZ D . -1.57 -0.08 4.95
H47 NAZ D . -6.00 -1.38 4.92
H48 NAZ D . -3.66 -1.19 5.32
H49 NAZ D . -1.77 4.28 1.88
H50 NAZ D . -7.95 -0.62 3.96
H51 NAZ D . -7.74 -0.09 2.44
H52 NAZ D . -8.04 0.97 3.64
H53 NAZ D . 5.23 2.27 1.51
H54 NAZ D . 4.22 3.00 2.56
H55 NAZ D . 3.86 1.74 -0.82
H56 NAZ D . -2.58 2.58 -6.30
H35 NAZ D . -2.42 -0.27 -3.03
H57 NAZ D . -0.62 3.44 -5.74
H58 NAZ D . 2.61 2.59 -2.30
H59 NAZ D . 1.40 3.45 -4.18
C1 NAZ C . 1.62 -0.06 2.66
O2 NAZ C . 2.83 -1.55 0.72
C3 NAZ C . 3.97 -3.89 2.71
N4 NAZ C . 3.68 -4.88 1.66
C5 NAZ C . 2.77 -4.53 0.56
C6 NAZ C . 3.47 -4.89 -0.77
C7 NAZ C . 3.75 -3.69 -1.64
C8 NAZ C . 2.90 -2.00 -3.23
C9 NAZ C . 4.01 -1.15 -3.15
N10 NAZ C . 1.95 -1.75 -4.22
C11 NAZ C . 4.15 -0.09 -4.03
C12 NAZ C . 2.07 -0.69 -5.10
C13 NAZ C . 3.18 0.15 -5.00
C14 NAZ C . 2.35 1.45 -6.86
C15 NAZ C . 3.31 1.21 -5.89
C16 NAZ C . 1.25 0.62 -6.96
N17 NAZ C . 1.12 -0.45 -6.07
N18 NAZ C . 2.70 -3.12 -2.37
C19 NAZ C . 0.21 0.88 -8.01
O20 NAZ C . 4.75 -3.04 -1.43
C21 NAZ C . 4.48 -2.58 2.07
C22 NAZ C . 3.31 -1.64 1.83
N23 NAZ C . 2.74 -0.96 2.90
C24 NAZ C . -4.27 -0.74 0.81
C25 NAZ C . -4.60 -1.88 1.71
N26 NAZ C . -3.00 -0.20 0.84
C27 NAZ C . -3.67 -2.36 2.54
C28 NAZ C . -2.01 -0.71 1.72
C29 NAZ C . -2.32 -1.77 2.57
C30 NAZ C . -0.09 -1.71 3.46
C31 NAZ C . -1.35 -2.27 3.43
C32 NAZ C . 0.23 -0.66 2.61
N33 NAZ C . -0.75 -0.17 1.75
O34 NAZ C . -5.10 -0.31 0.05
H36 NAZ C . 1.62 0.60 3.42
H37 NAZ C . 1.78 0.41 1.80
H38 NAZ C . 4.68 -4.26 3.32
H39 NAZ C . 3.14 -3.72 3.23
H40 NAZ C . 4.20 -5.73 1.63
H41 NAZ C . 2.57 -3.56 0.60
H42 NAZ C . 1.91 -5.06 0.68
H43 NAZ C . 2.89 -5.51 -1.29
H44 NAZ C . 4.34 -5.33 -0.57
H45 NAZ C . 4.71 -1.32 -2.45
H46 NAZ C . 4.95 0.51 -3.95
H47 NAZ C . 2.46 2.22 -7.49
H48 NAZ C . 4.10 1.81 -5.82
H49 NAZ C . 1.79 -3.53 -2.31
H50 NAZ C . -0.04 1.85 -8.01
H51 NAZ C . -0.60 0.33 -7.82
H52 NAZ C . 0.57 0.63 -8.91
H53 NAZ C . 5.13 -2.13 2.68
H54 NAZ C . 4.91 -2.77 1.20
H55 NAZ C . 3.27 -0.85 3.73
H56 NAZ C . -5.50 -2.33 1.75
H35 NAZ C . -2.74 0.64 0.17
H57 NAZ C . -3.97 -3.13 3.12
H58 NAZ C . 0.61 -2.07 4.07
H59 NAZ C . -1.57 -3.03 4.03
C1 NAZ D . 3.27 1.01 -0.58
O2 NAZ D . 3.56 1.98 1.96
C3 NAZ D . 5.15 4.55 1.47
N4 NAZ D . 4.13 4.87 2.49
C5 NAZ D . 3.26 6.05 2.32
C6 NAZ D . 1.87 5.59 1.79
C7 NAZ D . 1.27 4.44 2.57
C8 NAZ D . -0.76 3.16 3.10
C9 NAZ D . -0.11 2.34 4.02
N10 NAZ D . -2.10 2.95 2.84
C11 NAZ D . -0.81 1.33 4.64
C12 NAZ D . -2.80 1.94 3.46
C13 NAZ D . -2.16 1.12 4.37
C14 NAZ D . -4.21 -0.09 4.71
C15 NAZ D . -2.88 0.11 4.98
C16 NAZ D . -4.85 0.73 3.80
N17 NAZ D . -4.16 1.74 3.18
N18 NAZ D . -0.10 4.21 2.43
C19 NAZ D . -6.32 0.51 3.50
O20 NAZ D . 1.86 4.00 3.54
C21 NAZ D . 5.60 3.09 1.64
C22 NAZ D . 4.48 2.19 1.20
N23 NAZ D . 4.36 1.87 -0.14
C24 NAZ D . -1.52 1.72 -4.52
C25 NAZ D . -0.90 2.78 -5.32
N26 NAZ D . -0.82 1.18 -3.45
C27 NAZ D . 0.33 3.22 -5.02
C28 NAZ D . 0.48 1.63 -3.12
C29 NAZ D . 1.07 2.64 -3.88
C30 NAZ D . 3.03 2.55 -2.50
C31 NAZ D . 2.34 3.09 -3.57
C32 NAZ D . 2.45 1.55 -1.74
N33 NAZ D . 1.18 1.10 -2.04
O34 NAZ D . -2.63 1.32 -4.78
H36 NAZ D . 2.67 0.87 0.20
H37 NAZ D . 3.67 0.13 -0.86
H38 NAZ D . 5.93 5.15 1.57
H39 NAZ D . 4.74 4.68 0.57
H40 NAZ D . 3.92 4.21 3.21
H41 NAZ D . 3.17 6.52 3.20
H42 NAZ D . 3.68 6.67 1.65
H43 NAZ D . 1.96 5.28 0.85
H44 NAZ D . 1.23 6.35 1.84
H45 NAZ D . 0.85 2.48 4.21
H46 NAZ D . -0.35 0.73 5.30
H47 NAZ D . -4.72 -0.82 5.15
H48 NAZ D . -2.41 -0.48 5.64
H49 NAZ D . -0.66 4.93 2.02
H50 NAZ D . -6.49 0.70 2.53
H51 NAZ D . -6.86 1.13 4.07
H52 NAZ D . -6.56 -0.43 3.71
H53 NAZ D . 6.41 2.90 1.08
H54 NAZ D . 5.81 2.91 2.60
H55 NAZ D . 5.11 2.10 -0.78
H56 NAZ D . -1.33 3.23 -6.11
H35 NAZ D . -1.28 0.38 -2.84
H57 NAZ D . 0.69 3.95 -5.61
H58 NAZ D . 3.95 2.88 -2.28
H59 NAZ D . 2.76 3.81 -4.12
C1 NAZ C . 0.61 -0.53 2.56
O2 NAZ C . 2.15 -1.88 0.75
C3 NAZ C . 2.74 -4.53 2.69
N4 NAZ C . 2.59 -5.40 1.51
C5 NAZ C . 1.95 -4.87 0.30
C6 NAZ C . 2.92 -5.08 -0.88
C7 NAZ C . 3.10 -3.85 -1.75
C8 NAZ C . 2.08 -2.23 -3.29
C9 NAZ C . 3.12 -1.28 -3.21
N10 NAZ C . 1.11 -2.06 -4.27
C11 NAZ C . 3.14 -0.20 -4.09
C12 NAZ C . 1.13 -0.99 -5.15
C13 NAZ C . 2.15 -0.06 -5.06
C14 NAZ C . 1.19 1.17 -6.90
C15 NAZ C . 2.17 1.02 -5.94
C16 NAZ C . 0.16 0.23 -6.98
N17 NAZ C . 0.14 -0.84 -6.10
N18 NAZ C . 1.99 -3.36 -2.44
C19 NAZ C . -0.90 0.39 -8.03
O20 NAZ C . 4.04 -3.12 -1.53
C21 NAZ C . 3.37 -3.20 2.28
C22 NAZ C . 2.30 -2.19 1.91
N23 NAZ C . 1.66 -1.49 2.91
C24 NAZ C . -5.21 -0.85 0.39
C25 NAZ C . -5.64 -2.00 1.22
N26 NAZ C . -3.92 -0.36 0.51
C27 NAZ C . -4.77 -2.57 2.07
C28 NAZ C . -3.00 -0.96 1.41
C29 NAZ C . -3.40 -2.05 2.18
C30 NAZ C . -1.20 -2.14 3.18
C31 NAZ C . -2.50 -2.63 3.06
C32 NAZ C . -0.81 -1.05 2.41
N33 NAZ C . -1.71 -0.48 1.53
O34 NAZ C . -5.99 -0.34 -0.37
H36 NAZ C . 0.59 0.14 3.30
H37 NAZ C . 0.88 -0.09 1.71
H38 NAZ C . 3.31 -5.00 3.37
H39 NAZ C . 1.83 -4.38 3.08
H40 NAZ C . 2.92 -6.34 1.53
H41 NAZ C . 1.75 -3.90 0.43
H42 NAZ C . 1.09 -5.36 0.14
H43 NAZ C . 2.58 -5.81 -1.47
H44 NAZ C . 3.82 -5.34 -0.51
H45 NAZ C . 3.83 -1.38 -2.52
H46 NAZ C . 3.88 0.48 -4.02
H47 NAZ C . 1.21 1.94 -7.53
H48 NAZ C . 2.90 1.69 -5.88
H49 NAZ C . 1.12 -3.84 -2.35
H50 NAZ C . -0.84 -0.37 -8.69
H51 NAZ C . -0.78 1.26 -8.51
H52 NAZ C . -1.80 0.38 -7.60
H53 NAZ C . 3.91 -2.82 3.05
H54 NAZ C . 3.98 -3.34 1.49
H55 NAZ C . 2.10 -1.40 3.80
H56 NAZ C . -6.55 -2.41 1.20
H35 NAZ C . -3.60 0.49 -0.10
H57 NAZ C . -5.13 -3.34 2.60
H58 NAZ C . -0.55 -2.56 3.81
H59 NAZ C . -2.77 -3.41 3.63
C1 NAZ D . 2.30 0.93 -0.74
O2 NAZ D . 3.10 1.09 1.87
C3 NAZ D . 4.25 4.23 1.59
N4 NAZ D . 3.35 4.48 2.72
C5 NAZ D . 2.44 5.65 2.70
C6 NAZ D . 1.10 5.24 2.05
C7 NAZ D . 0.43 4.06 2.72
C8 NAZ D . -1.65 2.82 3.08
C9 NAZ D . -1.08 1.90 3.93
N10 NAZ D . -3.00 2.70 2.77
C11 NAZ D . -1.86 0.88 4.46
C12 NAZ D . -3.77 1.69 3.29
C13 NAZ D . -3.19 0.77 4.15
C14 NAZ D . -5.32 -0.34 4.35
C15 NAZ D . -3.97 -0.25 4.67
C16 NAZ D . -5.89 0.57 3.49
N17 NAZ D . -5.11 1.59 2.97
N18 NAZ D . -0.94 3.89 2.50
C19 NAZ D . -7.35 0.46 3.15
O20 NAZ D . 0.98 3.52 3.66
C21 NAZ D . 4.72 2.76 1.61
C22 NAZ D . 3.61 1.89 1.11
N23 NAZ D . 3.39 1.78 -0.25
C24 NAZ D . -2.61 1.60 -4.51
C25 NAZ D . -2.03 2.68 -5.35
N26 NAZ D . -1.86 1.07 -3.47
C27 NAZ D . -0.80 3.13 -5.09
C28 NAZ D . -0.56 1.55 -3.19
C29 NAZ D . -0.02 2.56 -3.97
C30 NAZ D . 1.99 2.50 -2.66
C31 NAZ D . 1.25 3.03 -3.71
C32 NAZ D . 1.46 1.49 -1.87
N33 NAZ D . 0.18 1.02 -2.15
O34 NAZ D . -3.72 1.18 -4.75
H36 NAZ D . 1.70 0.75 0.04
H37 NAZ D . 2.71 0.07 -1.03
H38 NAZ D . 5.04 4.84 1.65
H39 NAZ D . 3.75 4.41 0.74
H40 NAZ D . 3.21 3.77 3.42
H41 NAZ D . 2.29 5.96 3.64
H42 NAZ D . 2.88 6.39 2.18
H43 NAZ D . 1.26 4.98 1.10
H44 NAZ D . 0.47 6.01 2.08
H45 NAZ D . -0.11 1.98 4.16
H46 NAZ D . -1.44 0.21 5.09
H47 NAZ D . -5.87 -1.07 4.72
H48 NAZ D . -3.56 -0.91 5.29
H49 NAZ D . -1.45 4.64 2.10
H50 NAZ D . -7.50 0.85 2.23
H51 NAZ D . -7.89 0.97 3.81
H52 NAZ D . -7.61 -0.50 3.15
H53 NAZ D . 5.52 2.66 1.03
H54 NAZ D . 4.96 2.50 2.55
H55 NAZ D . 4.11 2.07 -0.89
H56 NAZ D . -2.50 3.11 -6.12
H35 NAZ D . -2.30 0.27 -2.85
H57 NAZ D . -0.48 3.87 -5.69
H58 NAZ D . 2.91 2.85 -2.48
H59 NAZ D . 1.64 3.76 -4.28
C1 NAZ C . 0.60 -0.82 2.63
O2 NAZ C . 2.11 -2.14 0.78
C3 NAZ C . 2.99 -4.57 2.80
N4 NAZ C . 2.78 -5.52 1.71
C5 NAZ C . 1.98 -5.11 0.54
C6 NAZ C . 2.83 -5.37 -0.73
C7 NAZ C . 3.01 -4.15 -1.60
C8 NAZ C . 2.01 -2.56 -3.20
C9 NAZ C . 3.04 -1.62 -3.12
N10 NAZ C . 1.03 -2.41 -4.17
C11 NAZ C . 3.06 -0.55 -4.00
C12 NAZ C . 1.05 -1.34 -5.05
C13 NAZ C . 2.07 -0.41 -4.97
C14 NAZ C . 1.10 0.80 -6.82
C15 NAZ C . 2.08 0.66 -5.86
C16 NAZ C . 0.08 -0.13 -6.90
N17 NAZ C . 0.06 -1.20 -6.01
N18 NAZ C . 1.92 -3.70 -2.33
C19 NAZ C . -0.99 0.02 -7.94
O20 NAZ C . 3.94 -3.41 -1.37
C21 NAZ C . 3.57 -3.25 2.26
C22 NAZ C . 2.44 -2.28 1.93
N23 NAZ C . 1.69 -1.75 2.95
C24 NAZ C . -5.28 -1.31 0.67
C25 NAZ C . -5.66 -2.45 1.54
N26 NAZ C . -3.99 -0.80 0.73
C27 NAZ C . -4.76 -2.97 2.39
C28 NAZ C . -3.03 -1.36 1.62
C29 NAZ C . -3.38 -2.42 2.44
C30 NAZ C . -1.16 -2.43 3.36
C31 NAZ C . -2.45 -2.95 3.31
C32 NAZ C . -0.81 -1.38 2.55
N33 NAZ C . -1.75 -0.85 1.68
O34 NAZ C . -6.10 -0.83 -0.09
H36 NAZ C . 0.60 -0.14 3.36
H37 NAZ C . 0.82 -0.38 1.76
H38 NAZ C . 3.61 -4.98 3.47
H39 NAZ C . 2.11 -4.40 3.24
H40 NAZ C . 3.31 -6.37 1.68
H41 NAZ C . 1.76 -4.15 0.61
H42 NAZ C . 1.13 -5.65 0.53
H43 NAZ C . 2.39 -6.08 -1.28
H44 NAZ C . 3.74 -5.69 -0.44
H45 NAZ C . 3.76 -1.71 -2.43
H46 NAZ C . 3.80 0.13 -3.94
H47 NAZ C . 1.13 1.57 -7.46
H48 NAZ C . 2.82 1.33 -5.81
H49 NAZ C . 1.06 -4.19 -2.28
H50 NAZ C . -1.27 0.98 -8.00
H51 NAZ C . -1.77 -0.55 -7.70
H52 NAZ C . -0.63 -0.27 -8.84
H53 NAZ C . 4.16 -2.82 2.95
H54 NAZ C . 4.10 -3.43 1.43
H55 NAZ C . 2.07 -1.72 3.87
H56 NAZ C . -6.56 -2.87 1.58
H35 NAZ C . -3.70 0.04 0.08
H57 NAZ C . -5.08 -3.73 2.96
H58 NAZ C . -0.48 -2.82 3.99
H59 NAZ C . -2.69 -3.72 3.91
C1 NAZ D . 2.19 0.58 -0.61
O2 NAZ D . 3.04 0.83 1.97
C3 NAZ D . 4.14 3.98 1.53
N4 NAZ D . 3.23 4.29 2.65
C5 NAZ D . 2.32 5.45 2.56
C6 NAZ D . 0.97 4.97 1.95
C7 NAZ D . 0.35 3.81 2.68
C8 NAZ D . -1.70 2.53 3.12
C9 NAZ D . -1.08 1.65 3.97
N10 NAZ D . -3.05 2.39 2.86
C11 NAZ D . -1.82 0.63 4.56
C12 NAZ D . -3.78 1.38 3.44
C13 NAZ D . -3.17 0.50 4.29
C14 NAZ D . -5.27 -0.63 4.59
C15 NAZ D . -3.92 -0.51 4.87
C16 NAZ D . -5.87 0.25 3.74
N17 NAZ D . -5.14 1.26 3.17
N18 NAZ D . -1.01 3.59 2.48
C19 NAZ D . -7.34 0.12 3.44
O20 NAZ D . 0.91 3.34 3.65
C21 NAZ D . 4.62 2.53 1.64
C22 NAZ D . 3.52 1.60 1.18
N23 NAZ D . 3.27 1.46 -0.17
C24 NAZ D . -2.74 1.01 -4.41
C25 NAZ D . -2.20 2.09 -5.26
N26 NAZ D . -1.98 0.52 -3.35
C27 NAZ D . -0.98 2.58 -5.00
C28 NAZ D . -0.70 1.05 -3.08
C29 NAZ D . -0.19 2.06 -3.88
C30 NAZ D . 1.82 2.09 -2.57
C31 NAZ D . 1.06 2.58 -3.62
C32 NAZ D . 1.32 1.08 -1.76
N33 NAZ D . 0.07 0.56 -2.03
O34 NAZ D . -3.84 0.55 -4.64
H36 NAZ D . 1.60 0.42 0.18
H37 NAZ D . 2.61 -0.29 -0.89
H38 NAZ D . 4.92 4.60 1.56
H39 NAZ D . 3.64 4.12 0.67
H40 NAZ D . 3.12 3.63 3.39
H41 NAZ D . 2.18 5.82 3.48
H42 NAZ D . 2.75 6.15 1.98
H43 NAZ D . 1.12 4.68 1.00
H44 NAZ D . 0.32 5.73 1.97
H45 NAZ D . -0.11 1.74 4.16
H46 NAZ D . -1.37 -0.01 5.18
H47 NAZ D . -5.80 -1.36 5.01
H48 NAZ D . -3.48 -1.15 5.49
H49 NAZ D . -1.56 4.31 2.05
H50 NAZ D . -7.79 1.00 3.57
H51 NAZ D . -7.75 -0.55 4.07
H52 NAZ D . -7.47 -0.19 2.50
H53 NAZ D . 5.42 2.39 1.05
H54 NAZ D . 4.86 2.32 2.58
H55 NAZ D . 3.97 1.75 -0.83
H56 NAZ D . -2.67 2.49 -6.04
H35 NAZ D . -2.39 -0.28 -2.73
H57 NAZ D . -0.67 3.32 -5.62
H58 NAZ D . 2.73 2.48 -2.39
H59 NAZ D . 1.43 3.31 -4.19
C1 NAZ C . 0.86 -0.89 3.13
O2 NAZ C . 2.22 -2.34 1.28
C3 NAZ C . 2.95 -5.01 3.00
N4 NAZ C . 2.94 -5.80 1.76
C5 NAZ C . 2.32 -5.21 0.55
C6 NAZ C . 3.32 -5.42 -0.63
C7 NAZ C . 3.49 -4.18 -1.49
C8 NAZ C . 2.48 -2.54 -3.01
C9 NAZ C . 3.53 -1.63 -2.94
N10 NAZ C . 1.46 -2.33 -3.94
C11 NAZ C . 3.55 -0.54 -3.80
C12 NAZ C . 1.48 -1.25 -4.80
C13 NAZ C . 2.53 -0.34 -4.73
C14 NAZ C . 1.54 0.93 -6.51
C15 NAZ C . 2.55 0.74 -5.60
C16 NAZ C . 0.49 0.04 -6.59
N17 NAZ C . 0.47 -1.05 -5.73
N18 NAZ C . 2.39 -3.68 -2.16
C19 NAZ C . -0.60 0.24 -7.59
O20 NAZ C . 4.46 -3.48 -1.29
C21 NAZ C . 3.56 -3.62 2.76
C22 NAZ C . 2.45 -2.62 2.44
N23 NAZ C . 1.92 -1.84 3.45
C24 NAZ C . -4.90 -1.41 0.84
C25 NAZ C . -5.33 -2.52 1.71
N26 NAZ C . -3.62 -0.89 0.97
C27 NAZ C . -4.47 -3.04 2.60
C28 NAZ C . -2.72 -1.43 1.91
C29 NAZ C . -3.11 -2.49 2.72
C30 NAZ C . -0.94 -2.50 3.77
C31 NAZ C . -2.22 -3.02 3.65
C32 NAZ C . -0.55 -1.45 2.96
N33 NAZ C . -1.44 -0.92 2.04
O34 NAZ C . -5.67 -0.93 0.03
H36 NAZ C . 0.83 -0.23 3.87
H37 NAZ C . 1.12 -0.43 2.29
H38 NAZ C . 3.49 -5.51 3.68
H39 NAZ C . 2.01 -4.93 3.33
H40 NAZ C . 3.23 -6.75 1.76
H41 NAZ C . 2.16 -4.24 0.70
H42 NAZ C . 1.46 -5.68 0.37
H43 NAZ C . 2.98 -6.15 -1.22
H44 NAZ C . 4.21 -5.67 -0.26
H45 NAZ C . 4.27 -1.75 -2.28
H46 NAZ C . 4.32 0.12 -3.75
H47 NAZ C . 1.56 1.72 -7.14
H48 NAZ C . 3.30 1.39 -5.55
H49 NAZ C . 1.50 -4.13 -2.05
H50 NAZ C . -0.22 0.28 -8.52
H51 NAZ C . -1.08 1.11 -7.40
H52 NAZ C . -1.26 -0.51 -7.54
H53 NAZ C . 4.04 -3.30 3.58
H54 NAZ C . 4.19 -3.66 1.99
H55 NAZ C . 2.46 -1.68 4.27
H56 NAZ C . -6.22 -2.95 1.68
H35 NAZ C . -3.30 -0.05 0.32
H57 NAZ C . -4.83 -3.79 3.15
H58 NAZ C . -0.31 -2.88 4.44
H59 NAZ C . -2.51 -3.77 4.24
C1 NAZ D . 2.69 0.39 -0.31
O2 NAZ D . 3.38 0.74 2.31
C3 NAZ D . 4.46 3.86 1.91
N4 NAZ D . 3.51 4.12 3.02
C5 NAZ D . 2.60 5.28 2.96
C6 NAZ D . 1.26 4.84 2.34
C7 NAZ D . 0.59 3.69 3.06
C8 NAZ D . -1.47 2.44 3.44
C9 NAZ D . -0.90 1.57 4.35
N10 NAZ D . -2.81 2.27 3.10
C11 NAZ D . -1.66 0.57 4.92
C12 NAZ D . -3.57 1.27 3.65
C13 NAZ D . -3.00 0.41 4.57
C14 NAZ D . -5.11 -0.73 4.78
C15 NAZ D . -3.77 -0.59 5.13
C16 NAZ D . -5.67 0.13 3.86
N17 NAZ D . -4.91 1.13 3.30
N18 NAZ D . -0.76 3.48 2.82
C19 NAZ D . -7.11 -0.03 3.47
O20 NAZ D . 1.12 3.24 4.05
C21 NAZ D . 4.99 2.42 2.00
C22 NAZ D . 3.92 1.48 1.52
N23 NAZ D . 3.74 1.30 0.16
C24 NAZ D . -2.30 0.90 -4.03
C25 NAZ D . -1.78 2.01 -4.86
N26 NAZ D . -1.52 0.39 -2.99
C27 NAZ D . -0.56 2.51 -4.58
C28 NAZ D . -0.24 0.91 -2.72
C29 NAZ D . 0.25 1.96 -3.49
C30 NAZ D . 2.27 1.98 -2.21
C31 NAZ D . 1.50 2.48 -3.23
C32 NAZ D . 1.80 0.93 -1.43
N33 NAZ D . 0.54 0.41 -1.69
O34 NAZ D . -3.40 0.45 -4.26
H36 NAZ D . 2.10 0.18 0.48
H37 NAZ D . 3.14 -0.44 -0.63
H38 NAZ D . 5.21 4.50 1.98
H39 NAZ D . 3.98 4.00 1.05
H40 NAZ D . 3.37 3.41 3.72
H41 NAZ D . 2.47 5.63 3.89
H42 NAZ D . 3.04 5.99 2.40
H43 NAZ D . 1.41 4.55 1.40
H44 NAZ D . 0.62 5.62 2.34
H45 NAZ D . 0.06 1.69 4.60
H46 NAZ D . -1.25 -0.06 5.58
H47 NAZ D . -5.66 -1.45 5.18
H48 NAZ D . -3.37 -1.20 5.79
H49 NAZ D . -1.28 4.20 2.36
H50 NAZ D . -7.37 -1.00 3.53
H51 NAZ D . -7.26 0.30 2.54
H52 NAZ D . -7.68 0.50 4.10
H53 NAZ D . 5.80 2.31 1.43
H54 NAZ D . 5.21 2.19 2.96
H55 NAZ D . 4.44 1.60 -0.48
H56 NAZ D . -2.26 2.44 -5.61
H35 NAZ D . -1.91 -0.44 -2.39
H57 NAZ D . -0.28 3.26 -5.18
H58 NAZ D . 3.18 2.36 -2.03
H59 NAZ D . 1.85 3.23 -3.78
C1 NAZ C . 1.02 -0.54 2.71
O2 NAZ C . 2.49 -1.85 0.84
C3 NAZ C . 3.26 -4.48 2.71
N4 NAZ C . 3.07 -5.34 1.53
C5 NAZ C . 2.34 -4.81 0.35
C6 NAZ C . 3.21 -5.09 -0.90
C7 NAZ C . 3.40 -3.88 -1.78
C8 NAZ C . 2.41 -2.26 -3.35
C9 NAZ C . 3.47 -1.35 -3.31
N10 NAZ C . 1.41 -2.08 -4.30
C11 NAZ C . 3.50 -0.29 -4.19
C12 NAZ C . 1.44 -1.02 -5.19
C13 NAZ C . 2.49 -0.11 -5.14
C14 NAZ C . 1.52 1.11 -6.97
C15 NAZ C . 2.53 0.95 -6.04
C16 NAZ C . 0.47 0.21 -7.02
N17 NAZ C . 0.44 -0.85 -6.13
N18 NAZ C . 2.30 -3.38 -2.48
C19 NAZ C . -0.63 0.39 -8.05
O20 NAZ C . 4.36 -3.17 -1.58
C21 NAZ C . 3.85 -3.11 2.30
C22 NAZ C . 2.73 -2.14 1.98
N23 NAZ C . 2.10 -1.47 3.02
C24 NAZ C . -4.80 -1.06 0.60
C25 NAZ C . -5.21 -2.18 1.47
N26 NAZ C . -3.52 -0.54 0.68
C27 NAZ C . -4.32 -2.70 2.34
C28 NAZ C . -2.59 -1.09 1.60
C29 NAZ C . -2.95 -2.15 2.42
C30 NAZ C . -0.76 -2.15 3.40
C31 NAZ C . -2.04 -2.67 3.32
C32 NAZ C . -0.39 -1.10 2.59
N33 NAZ C . -1.31 -0.58 1.70
O34 NAZ C . -5.60 -0.58 -0.18
H36 NAZ C . 1.00 0.13 3.46
H37 NAZ C . 1.26 -0.08 1.86
H38 NAZ C . 3.87 -4.94 3.35
H39 NAZ C . 2.36 -4.35 3.15
H40 NAZ C . 3.52 -6.23 1.48
H41 NAZ C . 2.20 -3.83 0.47
H42 NAZ C . 1.45 -5.28 0.30
H43 NAZ C . 2.77 -5.80 -1.45
H44 NAZ C . 4.10 -5.41 -0.61
H45 NAZ C . 4.20 -1.46 -2.63
H46 NAZ C . 4.26 0.37 -4.16
H47 NAZ C . 1.55 1.88 -7.61
H48 NAZ C . 3.28 1.60 -6.01
H49 NAZ C . 1.42 -3.83 -2.37
H50 NAZ C . -1.49 0.10 -7.65
H51 NAZ C . -0.42 -0.16 -8.86
H52 NAZ C . -0.68 1.36 -8.31
H53 NAZ C . 4.40 -2.74 3.04
H54 NAZ C . 4.42 -3.23 1.49
H55 NAZ C . 2.57 -1.38 3.89
H56 NAZ C . -6.11 -2.61 1.48
H35 NAZ C . -3.23 0.30 0.04
H57 NAZ C . -4.66 -3.46 2.89
H58 NAZ C . -0.10 -2.54 4.04
H59 NAZ C . -2.30 -3.44 3.91
C1 NAZ D . 2.69 0.81 -0.77
O2 NAZ D . 3.49 1.11 1.83
C3 NAZ D . 4.56 4.22 1.45
N4 NAZ D . 3.67 4.43 2.61
C5 NAZ D . 2.74 5.58 2.62
C6 NAZ D . 1.39 5.13 2.01
C7 NAZ D . 0.74 3.97 2.72
C8 NAZ D . -1.34 2.74 3.16
C9 NAZ D . -0.74 1.86 4.05
N10 NAZ D . -2.68 2.59 2.87
C11 NAZ D . -1.49 0.84 4.62
C12 NAZ D . -3.43 1.58 3.43
C13 NAZ D . -2.83 0.70 4.31
C14 NAZ D . -4.93 -0.44 4.57
C15 NAZ D . -3.58 -0.31 4.87
C16 NAZ D . -5.52 0.44 3.68
N17 NAZ D . -4.78 1.45 3.12
N18 NAZ D . -0.64 3.79 2.54
C19 NAZ D . -6.98 0.29 3.35
O20 NAZ D . 1.30 3.46 3.66
C21 NAZ D . 5.10 2.79 1.48
C22 NAZ D . 4.01 1.85 1.02
N23 NAZ D . 3.76 1.70 -0.33
C24 NAZ D . -2.30 1.25 -4.48
C25 NAZ D . -1.77 2.33 -5.33
N26 NAZ D . -1.52 0.76 -3.43
C27 NAZ D . -0.55 2.84 -5.09
C28 NAZ D . -0.23 1.29 -3.18
C29 NAZ D . 0.27 2.30 -3.99
C30 NAZ D . 2.29 2.33 -2.71
C31 NAZ D . 1.52 2.82 -3.74
C32 NAZ D . 1.81 1.31 -1.89
N33 NAZ D . 0.54 0.80 -2.14
O34 NAZ D . -3.40 0.80 -4.68
H36 NAZ D . 2.11 0.63 0.03
H37 NAZ D . 3.13 -0.05 -1.06
H38 NAZ D . 5.32 4.87 1.50
H39 NAZ D . 4.04 4.38 0.61
H40 NAZ D . 3.57 3.71 3.30
H41 NAZ D . 2.61 5.88 3.57
H42 NAZ D . 3.13 6.32 2.08
H43 NAZ D . 1.52 4.85 1.06
H44 NAZ D . 0.74 5.91 2.03
H45 NAZ D . 0.23 1.96 4.26
H46 NAZ D . -1.06 0.20 5.25
H47 NAZ D . -5.47 -1.17 4.97
H48 NAZ D . -3.16 -0.94 5.51
H49 NAZ D . -1.16 4.54 2.13
H50 NAZ D . -7.43 -0.28 4.05
H51 NAZ D . -7.08 -0.16 2.46
H52 NAZ D . -7.41 1.19 3.32
H53 NAZ D . 5.88 2.70 0.85
H54 NAZ D . 5.38 2.53 2.40
H55 NAZ D . 4.46 2.00 -1.00
H56 NAZ D . -2.26 2.75 -6.11
H35 NAZ D . -1.91 -0.04 -2.79
H57 NAZ D . -0.25 3.56 -5.71
H58 NAZ D . 3.20 2.71 -2.54
H59 NAZ D . 1.88 3.54 -4.32
C1 NAZ C . 0.49 -0.93 2.73
O2 NAZ C . 2.00 -2.28 0.91
C3 NAZ C . 2.63 -4.95 2.77
N4 NAZ C . 2.54 -5.77 1.55
C5 NAZ C . 1.95 -5.21 0.33
C6 NAZ C . 2.96 -5.38 -0.82
C7 NAZ C . 3.15 -4.15 -1.67
C8 NAZ C . 2.15 -2.51 -3.22
C9 NAZ C . 3.19 -1.57 -3.12
N10 NAZ C . 1.17 -2.33 -4.18
C11 NAZ C . 3.23 -0.49 -3.98
C12 NAZ C . 1.21 -1.24 -5.05
C13 NAZ C . 2.25 -0.32 -4.95
C14 NAZ C . 1.30 0.93 -6.78
C15 NAZ C . 2.28 0.77 -5.82
C16 NAZ C . 0.27 0.01 -6.89
N17 NAZ C . 0.23 -1.07 -6.01
N18 NAZ C . 2.05 -3.65 -2.37
C19 NAZ C . -0.79 0.20 -7.93
O20 NAZ C . 4.07 -3.40 -1.41
C21 NAZ C . 3.26 -3.58 2.43
C22 NAZ C . 2.17 -2.60 2.07
N23 NAZ C . 1.55 -1.88 3.08
C24 NAZ C . -5.39 -1.37 0.76
C25 NAZ C . -5.78 -2.49 1.64
N26 NAZ C . -4.09 -0.88 0.81
C27 NAZ C . -4.88 -3.02 2.49
C28 NAZ C . -3.14 -1.44 1.71
C29 NAZ C . -3.51 -2.48 2.54
C30 NAZ C . -1.29 -2.51 3.47
C31 NAZ C . -2.58 -3.02 3.41
C32 NAZ C . -0.92 -1.47 2.64
N33 NAZ C . -1.86 -0.94 1.76
O34 NAZ C . -6.19 -0.90 -0.01
H36 NAZ C . 0.49 -0.23 3.44
H37 NAZ C . 0.73 -0.52 1.85
H38 NAZ C . 3.20 -5.44 3.43
H39 NAZ C . 1.71 -4.84 3.13
H40 NAZ C . 2.77 -6.75 1.58
H41 NAZ C . 1.75 -4.24 0.49
H42 NAZ C . 1.09 -5.68 0.14
H43 NAZ C . 2.65 -6.12 -1.43
H44 NAZ C . 3.85 -5.63 -0.43
H45 NAZ C . 3.90 -1.69 -2.42
H46 NAZ C . 3.97 0.17 -3.90
H47 NAZ C . 1.33 1.72 -7.40
H48 NAZ C . 3.01 1.43 -5.75
H49 NAZ C . 1.16 -4.10 -2.26
H50 NAZ C . -1.67 -0.13 -7.58
H51 NAZ C . -0.55 -0.31 -8.76
H52 NAZ C . -0.88 1.17 -8.16
H53 NAZ C . 3.76 -3.24 3.23
H54 NAZ C . 3.88 -3.67 1.65
H55 NAZ C . 2.04 -1.74 3.93
H56 NAZ C . -6.68 -2.91 1.67
H35 NAZ C . -3.80 -0.04 0.15
H57 NAZ C . -5.22 -3.78 3.06
H58 NAZ C . -0.62 -2.90 4.10
H59 NAZ C . -2.84 -3.78 4.01
C1 NAZ D . 2.23 0.54 -0.56
O2 NAZ D . 2.59 1.30 2.06
C3 NAZ D . 4.45 4.02 0.92
N4 NAZ D . 3.10 4.59 0.88
C5 NAZ D . 2.37 4.92 2.13
C6 NAZ D . 0.85 4.75 1.86
C7 NAZ D . 0.23 3.60 2.61
C8 NAZ D . -1.84 2.41 3.16
C9 NAZ D . -1.20 1.53 4.03
N10 NAZ D . -3.19 2.26 2.92
C11 NAZ D . -1.95 0.53 4.64
C12 NAZ D . -3.93 1.27 3.52
C13 NAZ D . -3.30 0.39 4.38
C14 NAZ D . -5.40 -0.73 4.73
C15 NAZ D . -4.04 -0.60 4.99
C16 NAZ D . -6.01 0.15 3.86
N17 NAZ D . -5.27 1.15 3.26
N18 NAZ D . -1.15 3.45 2.51
C19 NAZ D . -7.48 0.01 3.58
O20 NAZ D . 0.82 3.14 3.57
C21 NAZ D . 4.46 2.70 1.74
C22 NAZ D . 3.36 1.80 1.26
N23 NAZ D . 3.31 1.42 -0.08
C24 NAZ D . -2.63 1.06 -4.44
C25 NAZ D . -2.06 2.14 -5.26
N26 NAZ D . -1.90 0.55 -3.38
C27 NAZ D . -0.85 2.63 -4.97
C28 NAZ D . -0.61 1.06 -3.07
C29 NAZ D . -0.08 2.08 -3.85
C30 NAZ D . 1.90 2.08 -2.50
C31 NAZ D . 1.17 2.59 -3.55
C32 NAZ D . 1.39 1.06 -1.71
N33 NAZ D . 0.13 0.56 -2.00
O34 NAZ D . -3.73 0.61 -4.69
H36 NAZ D . 1.63 0.37 0.23
H37 NAZ D . 2.66 -0.31 -0.84
H38 NAZ D . 5.06 4.69 1.35
H39 NAZ D . 4.76 3.85 -0.01
H40 NAZ D . 2.61 4.65 0.01
H41 NAZ D . 2.67 4.28 2.85
H42 NAZ D . 2.59 5.86 2.40
H43 NAZ D . 0.72 4.57 0.89
H44 NAZ D . 0.35 5.58 2.11
H45 NAZ D . -0.23 1.64 4.21
H46 NAZ D . -1.50 -0.10 5.27
H47 NAZ D . -5.93 -1.44 5.16
H48 NAZ D . -3.59 -1.23 5.61
H49 NAZ D . -1.69 4.20 2.12
H50 NAZ D . -7.88 0.91 3.41
H51 NAZ D . -7.93 -0.41 4.37
H52 NAZ D . -7.61 -0.56 2.78
H53 NAZ D . 5.34 2.24 1.64
H54 NAZ D . 4.31 2.92 2.70
H55 NAZ D . 4.07 1.66 -0.70
H56 NAZ D . -2.52 2.57 -6.05
H35 NAZ D . -2.32 -0.26 -2.77
H57 NAZ D . -0.52 3.36 -5.57
H58 NAZ D . 2.81 2.46 -2.30
H59 NAZ D . 1.54 3.32 -4.11
C1 NAZ C . 0.65 -0.74 2.53
O2 NAZ C . 2.24 -2.00 0.72
C3 NAZ C . 2.92 -4.59 2.70
N4 NAZ C . 2.72 -5.48 1.55
C5 NAZ C . 1.97 -5.00 0.37
C6 NAZ C . 2.83 -5.26 -0.89
C7 NAZ C . 3.02 -4.04 -1.77
C8 NAZ C . 2.02 -2.46 -3.38
C9 NAZ C . 3.06 -1.52 -3.30
N10 NAZ C . 1.05 -2.30 -4.35
C11 NAZ C . 3.08 -0.45 -4.19
C12 NAZ C . 1.08 -1.25 -5.24
C13 NAZ C . 2.10 -0.31 -5.17
C14 NAZ C . 1.14 0.88 -7.02
C15 NAZ C . 2.12 0.75 -6.06
C16 NAZ C . 0.12 -0.06 -7.10
N17 NAZ C . 0.09 -1.12 -6.21
N18 NAZ C . 1.93 -3.58 -2.50
C19 NAZ C . -0.96 0.09 -8.15
O20 NAZ C . 3.95 -3.30 -1.54
C21 NAZ C . 3.55 -3.26 2.24
C22 NAZ C . 2.45 -2.28 1.88
N23 NAZ C . 1.70 -1.68 2.88
C24 NAZ C . -5.24 -1.15 0.55
C25 NAZ C . -5.63 -2.29 1.43
N26 NAZ C . -3.94 -0.67 0.61
C27 NAZ C . -4.73 -2.82 2.27
C28 NAZ C . -2.99 -1.23 1.51
C29 NAZ C . -3.36 -2.28 2.33
C30 NAZ C . -1.14 -2.33 3.26
C31 NAZ C . -2.43 -2.84 3.21
C32 NAZ C . -0.77 -1.27 2.44
N33 NAZ C . -1.71 -0.74 1.58
O34 NAZ C . -6.04 -0.67 -0.22
H36 NAZ C . 0.64 -0.04 3.24
H37 NAZ C . 0.89 -0.33 1.65
H38 NAZ C . 3.53 -5.05 3.35
H39 NAZ C . 2.04 -4.42 3.13
H40 NAZ C . 3.25 -6.33 1.48
H41 NAZ C . 1.80 -4.01 0.48
H42 NAZ C . 1.10 -5.49 0.33
H43 NAZ C . 2.40 -5.97 -1.45
H44 NAZ C . 3.74 -5.56 -0.59
H45 NAZ C . 3.77 -1.60 -2.61
H46 NAZ C . 3.82 0.22 -4.13
H47 NAZ C . 1.16 1.64 -7.66
H48 NAZ C . 2.85 1.42 -6.01
H49 NAZ C . 1.06 -4.06 -2.44
H50 NAZ C . -1.00 -0.74 -8.70
H51 NAZ C . -0.74 0.86 -8.74
H52 NAZ C . -1.84 0.24 -7.71
H53 NAZ C . 4.10 -2.87 2.97
H54 NAZ C . 4.12 -3.41 1.43
H55 NAZ C . 2.09 -1.63 3.80
H56 NAZ C . -6.54 -2.70 1.45
H35 NAZ C . -3.65 0.17 -0.04
H57 NAZ C . -5.08 -3.58 2.83
H58 NAZ C . -0.48 -2.72 3.89
H59 NAZ C . -2.69 -3.59 3.80
C1 NAZ D . 2.25 0.70 -0.79
O2 NAZ D . 3.08 0.94 1.80
C3 NAZ D . 4.21 4.10 1.38
N4 NAZ D . 3.34 4.41 2.53
C5 NAZ D . 2.41 5.56 2.45
C6 NAZ D . 1.07 5.10 1.83
C7 NAZ D . 0.43 3.93 2.55
C8 NAZ D . -1.63 2.67 2.99
C9 NAZ D . -1.02 1.77 3.83
N10 NAZ D . -2.98 2.55 2.74
C11 NAZ D . -1.77 0.76 4.41
C12 NAZ D . -3.73 1.55 3.30
C13 NAZ D . -3.13 0.65 4.14
C14 NAZ D . -5.24 -0.46 4.44
C15 NAZ D . -3.88 -0.36 4.71
C16 NAZ D . -5.84 0.45 3.60
N17 NAZ D . -5.09 1.45 3.03
N18 NAZ D . -0.94 3.73 2.36
C19 NAZ D . -7.31 0.33 3.31
O20 NAZ D . 0.99 3.44 3.51
C21 NAZ D . 4.68 2.63 1.47
C22 NAZ D . 3.57 1.72 1.01
N23 NAZ D . 3.33 1.57 -0.35
C24 NAZ D . -2.68 1.14 -4.58
C25 NAZ D . -2.14 2.22 -5.44
N26 NAZ D . -1.92 0.65 -3.52
C27 NAZ D . -0.92 2.71 -5.18
C28 NAZ D . -0.64 1.18 -3.26
C29 NAZ D . -0.12 2.18 -4.06
C30 NAZ D . 1.89 2.21 -2.74
C31 NAZ D . 1.14 2.69 -3.81
C32 NAZ D . 1.39 1.19 -1.94
N33 NAZ D . 0.12 0.69 -2.20
O34 NAZ D . -3.79 0.69 -4.81
H36 NAZ D . 1.65 0.54 0.00
H37 NAZ D . 2.66 -0.18 -1.06
H38 NAZ D . 4.99 4.71 1.38
H39 NAZ D . 3.68 4.23 0.54
H40 NAZ D . 3.25 3.76 3.28
H41 NAZ D . 2.27 5.91 3.39
H42 NAZ D . 2.83 6.27 1.89
H43 NAZ D . 1.23 4.81 0.90
H44 NAZ D . 0.42 5.86 1.85
H45 NAZ D . -0.04 1.85 4.02
H46 NAZ D . -1.33 0.10 5.02
H47 NAZ D . -5.77 -1.18 4.86
H48 NAZ D . -3.45 -1.01 5.32
H49 NAZ D . -1.47 4.46 1.94
H50 NAZ D . -7.62 1.17 2.85
H51 NAZ D . -7.81 0.22 4.16
H52 NAZ D . -7.47 -0.45 2.71
H53 NAZ D . 5.48 2.50 0.88
H54 NAZ D . 4.92 2.42 2.41
H55 NAZ D . 4.04 1.85 -1.00
H56 NAZ D . -2.61 2.62 -6.22
H35 NAZ D . -2.33 -0.15 -2.89
H57 NAZ D . -0.61 3.44 -5.80
H58 NAZ D . 2.80 2.58 -2.57
H59 NAZ D . 1.50 3.43 -4.38
C1 NAZ C . 0.51 -1.12 3.06
O2 NAZ C . 1.87 -2.60 1.22
C3 NAZ C . 2.57 -5.28 2.92
N4 NAZ C . 2.63 -6.05 1.67
C5 NAZ C . 2.09 -5.47 0.43
C6 NAZ C . 3.17 -5.61 -0.67
C7 NAZ C . 3.31 -4.36 -1.52
C8 NAZ C . 2.24 -2.74 -3.03
C9 NAZ C . 3.27 -1.80 -2.96
N10 NAZ C . 1.23 -2.56 -3.96
C11 NAZ C . 3.25 -0.71 -3.81
C12 NAZ C . 1.21 -1.47 -4.81
C13 NAZ C . 2.23 -0.54 -4.74
C14 NAZ C . 1.20 0.71 -6.53
C15 NAZ C . 2.22 0.55 -5.60
C16 NAZ C . 0.18 -0.22 -6.59
N17 NAZ C . 0.19 -1.31 -5.74
N18 NAZ C . 2.18 -3.89 -2.18
C19 NAZ C . -0.93 -0.02 -7.60
O20 NAZ C . 4.25 -3.63 -1.31
C21 NAZ C . 3.18 -3.88 2.71
C22 NAZ C . 2.08 -2.88 2.38
N23 NAZ C . 1.57 -2.08 3.38
C24 NAZ C . -5.26 -1.54 0.81
C25 NAZ C . -5.70 -2.68 1.65
N26 NAZ C . -3.97 -1.05 0.93
C27 NAZ C . -4.84 -3.21 2.54
C28 NAZ C . -3.07 -1.61 1.86
C29 NAZ C . -3.48 -2.68 2.66
C30 NAZ C . -1.30 -2.72 3.69
C31 NAZ C . -2.59 -3.23 3.58
C32 NAZ C . -0.90 -1.66 2.90
N33 NAZ C . -1.79 -1.12 1.99
O34 NAZ C . -6.04 -1.05 0.00
H36 NAZ C . 0.48 -0.47 3.81
H37 NAZ C . 0.78 -0.66 2.22
H38 NAZ C . 3.09 -5.77 3.62
H39 NAZ C . 1.61 -5.20 3.20
H40 NAZ C . 2.89 -7.02 1.70
H41 NAZ C . 1.87 -4.52 0.59
H42 NAZ C . 1.26 -5.96 0.18
H43 NAZ C . 2.92 -6.36 -1.28
H44 NAZ C . 4.05 -5.80 -0.24
H45 NAZ C . 4.00 -1.90 -2.30
H46 NAZ C . 3.99 -0.03 -3.76
H47 NAZ C . 1.20 1.50 -7.14
H48 NAZ C . 2.95 1.22 -5.56
H49 NAZ C . 1.33 -4.38 -2.08
H50 NAZ C . -0.54 0.02 -8.53
H51 NAZ C . -1.41 0.82 -7.41
H52 NAZ C . -1.56 -0.80 -7.55
H53 NAZ C . 3.65 -3.58 3.53
H54 NAZ C . 3.83 -3.90 1.95
H55 NAZ C . 2.11 -1.92 4.20
H56 NAZ C . -6.60 -3.09 1.63
H35 NAZ C . -3.65 -0.20 0.30
H57 NAZ C . -5.20 -3.97 3.07
H58 NAZ C . -0.67 -3.12 4.35
H59 NAZ C . -2.87 -3.99 4.14
C1 NAZ D . 2.34 0.24 -0.37
O2 NAZ D . 3.00 0.56 2.26
C3 NAZ D . 4.13 3.65 1.94
N4 NAZ D . 3.20 3.91 3.06
C5 NAZ D . 2.29 5.07 3.01
C6 NAZ D . 0.95 4.64 2.38
C7 NAZ D . 0.27 3.49 3.08
C8 NAZ D . -1.79 2.22 3.44
C9 NAZ D . -1.22 1.34 4.33
N10 NAZ D . -3.13 2.07 3.11
C11 NAZ D . -2.00 0.32 4.89
C12 NAZ D . -3.90 1.07 3.64
C13 NAZ D . -3.33 0.20 4.55
C14 NAZ D . -5.44 -0.93 4.75
C15 NAZ D . -4.11 -0.81 5.09
C16 NAZ D . -6.01 -0.05 3.85
N17 NAZ D . -5.23 0.94 3.30
N18 NAZ D . -1.07 3.27 2.83
C19 NAZ D . -7.46 -0.19 3.47
O20 NAZ D . 0.79 3.02 4.07
C21 NAZ D . 4.65 2.22 2.00
C22 NAZ D . 3.57 1.29 1.50
N23 NAZ D . 3.40 1.13 0.13
C24 NAZ D . -2.62 0.81 -4.11
C25 NAZ D . -2.09 1.92 -4.91
N26 NAZ D . -1.85 0.28 -3.07
C27 NAZ D . -0.88 2.42 -4.64
C28 NAZ D . -0.56 0.80 -2.78
C29 NAZ D . -0.07 1.85 -3.55
C30 NAZ D . 1.95 1.84 -2.25
C31 NAZ D . 1.18 2.37 -3.27
C32 NAZ D . 1.46 0.79 -1.48
N33 NAZ D . 0.21 0.28 -1.76
O34 NAZ D . -3.72 0.35 -4.33
H36 NAZ D . 1.75 0.02 0.42
H37 NAZ D . 2.79 -0.58 -0.69
H38 NAZ D . 4.89 4.30 2.00
H39 NAZ D . 3.64 3.82 1.08
H40 NAZ D . 3.06 3.20 3.75
H41 NAZ D . 2.14 5.40 3.94
H42 NAZ D . 2.71 5.79 2.47
H43 NAZ D . 1.09 4.36 1.44
H44 NAZ D . 0.30 5.41 2.39
H45 NAZ D . -0.26 1.43 4.58
H46 NAZ D . -1.58 -0.31 5.54
H47 NAZ D . -6.01 -1.65 5.14
H48 NAZ D . -3.71 -1.44 5.74
H49 NAZ D . -1.60 3.99 2.36
H50 NAZ D . -7.83 0.71 3.25
H51 NAZ D . -7.96 -0.59 4.24
H52 NAZ D . -7.54 -0.78 2.67
H53 NAZ D . 5.46 2.11 1.42
H54 NAZ D . 4.86 1.97 2.94
H55 NAZ D . 4.10 1.45 -0.50
H56 NAZ D . -2.57 2.35 -5.67
H35 NAZ D . -2.24 -0.55 -2.47
H57 NAZ D . -0.58 3.17 -5.23
H58 NAZ D . 2.86 2.22 -2.06
H59 NAZ D . 1.54 3.12 -3.82
C1 NAZ C . -0.14 -1.01 2.41
O2 NAZ C . 1.39 -2.33 0.57
C3 NAZ C . 2.22 -4.73 2.66
N4 NAZ C . 2.05 -5.72 1.59
C5 NAZ C . 1.34 -5.35 0.37
C6 NAZ C . 2.31 -5.54 -0.82
C7 NAZ C . 2.54 -4.28 -1.63
C8 NAZ C . 1.66 -2.63 -3.23
C9 NAZ C . 2.66 -1.69 -3.01
N10 NAZ C . 0.77 -2.45 -4.28
C11 NAZ C . 2.75 -0.58 -3.84
C12 NAZ C . 0.86 -1.35 -5.12
C13 NAZ C . 1.86 -0.40 -4.90
C14 NAZ C . 1.06 0.88 -6.78
C15 NAZ C . 1.95 0.70 -5.73
C16 NAZ C . 0.07 -0.07 -7.00
N17 NAZ C . -0.03 -1.17 -6.17
N18 NAZ C . 1.51 -3.80 -2.42
C19 NAZ C . -0.90 0.12 -8.14
O20 NAZ C . 3.43 -3.53 -1.27
C21 NAZ C . 2.84 -3.44 2.07
C22 NAZ C . 1.72 -2.47 1.72
N23 NAZ C . 0.94 -1.95 2.74
C24 NAZ C . -6.09 -1.45 0.71
C25 NAZ C . -6.44 -2.57 1.60
N26 NAZ C . -4.80 -0.95 0.71
C27 NAZ C . -5.51 -3.10 2.41
C28 NAZ C . -3.81 -1.51 1.56
C29 NAZ C . -4.13 -2.57 2.40
C30 NAZ C . -1.87 -2.60 3.22
C31 NAZ C . -3.16 -3.11 3.23
C32 NAZ C . -1.55 -1.55 2.39
N33 NAZ C . -2.53 -1.02 1.56
O34 NAZ C . -6.93 -0.97 -0.01
H36 NAZ C . -0.10 -0.30 3.11
H37 NAZ C . 0.08 -0.61 1.51
H38 NAZ C . 2.83 -5.12 3.36
H39 NAZ C . 1.33 -4.55 3.05
H40 NAZ C . 2.57 -6.59 1.62
H41 NAZ C . 1.06 -4.39 0.44
H42 NAZ C . 0.54 -5.93 0.27
H43 NAZ C . 1.95 -6.24 -1.45
H44 NAZ C . 3.20 -5.85 -0.46
H45 NAZ C . 3.31 -1.80 -2.26
H46 NAZ C . 3.46 0.10 -3.69
H47 NAZ C . 1.14 1.67 -7.37
H48 NAZ C . 2.66 1.38 -5.58
H49 NAZ C . 0.64 -4.29 -2.44
H50 NAZ C . -0.81 1.04 -8.51
H51 NAZ C . -1.83 -0.02 -7.80
H52 NAZ C . -0.71 -0.55 -8.85
H53 NAZ C . 3.43 -3.01 2.75
H54 NAZ C . 3.35 -3.65 1.25
H55 NAZ C . 1.31 -1.92 3.65
H56 NAZ C . -7.35 -2.99 1.68
H35 NAZ C . -4.53 -0.12 0.04
H57 NAZ C . -5.82 -3.86 2.99
H58 NAZ C . -1.17 -2.99 3.82
H59 NAZ C . -3.39 -3.88 3.84
C1 NAZ D . 1.57 0.47 -0.50
O2 NAZ D . 1.87 1.13 2.15
C3 NAZ D . 3.89 3.83 1.09
N4 NAZ D . 2.56 4.45 0.85
C5 NAZ D . 1.75 4.92 2.01
C6 NAZ D . 0.25 4.68 1.66
C7 NAZ D . -0.35 3.53 2.42
C8 NAZ D . -2.40 2.32 3.01
C9 NAZ D . -1.75 1.44 3.83
N10 NAZ D . -3.77 2.20 2.82
C11 NAZ D . -2.47 0.42 4.45
C12 NAZ D . -4.49 1.21 3.44
C13 NAZ D . -3.84 0.31 4.26
C14 NAZ D . -5.93 -0.80 4.67
C15 NAZ D . -4.56 -0.70 4.87
C16 NAZ D . -6.57 0.10 3.85
N17 NAZ D . -5.85 1.10 3.24
N18 NAZ D . -1.74 3.38 2.34
C19 NAZ D . -8.06 -0.02 3.63
O20 NAZ D . 0.25 3.08 3.36
C21 NAZ D . 3.75 2.53 1.92
C22 NAZ D . 2.62 1.69 1.38
N23 NAZ D . 2.65 1.29 0.06
C24 NAZ D . -2.96 1.40 -4.73
C25 NAZ D . -2.27 2.47 -5.47
N26 NAZ D . -2.34 0.81 -3.63
C27 NAZ D . -1.05 2.87 -5.07
C28 NAZ D . -1.05 1.23 -3.20
C29 NAZ D . -0.40 2.24 -3.90
C30 NAZ D . 1.47 2.07 -2.40
C31 NAZ D . 0.86 2.66 -3.49
C32 NAZ D . 0.83 1.06 -1.70
N33 NAZ D . -0.43 0.64 -2.10
O34 NAZ D . -4.06 1.03 -5.07
H36 NAZ D . 0.90 0.33 0.24
H37 NAZ D . 1.97 -0.41 -0.77
H38 NAZ D . 4.46 4.49 1.57
H39 NAZ D . 4.30 3.63 0.20
H40 NAZ D . 2.21 4.56 -0.07
H41 NAZ D . 2.00 4.40 2.82
H42 NAZ D . 1.93 5.89 2.15
H43 NAZ D . 0.17 4.47 0.69
H44 NAZ D . -0.30 5.50 1.86
H45 NAZ D . -0.76 1.51 3.97
H46 NAZ D . -2.00 -0.23 5.04
H47 NAZ D . -6.45 -1.52 5.11
H48 NAZ D . -4.09 -1.34 5.46
H49 NAZ D . -2.28 4.13 1.97
H50 NAZ D . -8.53 0.08 4.51
H51 NAZ D . -8.27 -0.91 3.25
H52 NAZ D . -8.36 0.70 3.01
H53 NAZ D . 4.60 2.01 1.89
H54 NAZ D . 3.55 2.77 2.88
H55 NAZ D . 3.45 1.51 -0.52
H56 NAZ D . -2.64 2.94 -6.26
H35 NAZ D . -2.86 0.01 -3.08
H57 NAZ D . -0.64 3.60 -5.62
H58 NAZ D . 2.38 2.37 -2.11
H59 NAZ D . 1.33 3.39 -4.00
C1 NAZ C . 0.34 -0.62 1.90
O2 NAZ C . 0.76 -1.42 4.51
C3 NAZ C . 2.49 -4.21 3.25
N4 NAZ C . 2.81 -3.93 1.84
C5 NAZ C . 1.76 -4.12 0.82
C6 NAZ C . 2.44 -4.55 -0.51
C7 NAZ C . 2.68 -3.41 -1.47
C8 NAZ C . 1.86 -2.07 -3.38
C9 NAZ C . 2.92 -1.16 -3.33
N10 NAZ C . 0.92 -1.95 -4.40
C11 NAZ C . 3.02 -0.16 -4.29
C12 NAZ C . 1.02 -0.95 -5.36
C13 NAZ C . 2.07 -0.06 -5.31
C14 NAZ C . 1.23 1.05 -7.28
C15 NAZ C . 2.18 0.94 -6.26
C16 NAZ C . 0.18 0.15 -7.33
N17 NAZ C . 0.08 -0.84 -6.38
N18 NAZ C . 1.69 -3.12 -2.43
C19 NAZ C . -0.84 0.27 -8.43
O20 NAZ C . 3.57 -2.64 -1.25
C21 NAZ C . 2.53 -2.91 4.08
C22 NAZ C . 1.41 -1.99 3.65
N23 NAZ C . 1.42 -1.50 2.35
C24 NAZ C . -5.65 -0.94 0.26
C25 NAZ C . -6.01 -2.08 1.15
N26 NAZ C . -4.35 -0.46 0.25
C27 NAZ C . -5.07 -2.63 1.92
C28 NAZ C . -3.35 -1.04 1.08
C29 NAZ C . -3.69 -2.11 1.91
C30 NAZ C . -1.43 -2.19 2.70
C31 NAZ C . -2.72 -2.68 2.71
C32 NAZ C . -1.09 -1.14 1.88
N33 NAZ C . -2.06 -0.56 1.07
O34 NAZ C . -6.49 -0.43 -0.44
H36 NAZ C . 0.36 0.16 2.53
H37 NAZ C . 0.59 -0.31 0.98
H38 NAZ C . 3.14 -4.86 3.59
H39 NAZ C . 1.57 -4.61 3.29
H40 NAZ C . 3.75 -3.78 1.57
H41 NAZ C . 1.29 -3.26 0.71
H42 NAZ C . 1.13 -4.82 1.15
H43 NAZ C . 1.86 -5.23 -0.97
H44 NAZ C . 3.32 -4.97 -0.30
H45 NAZ C . 3.60 -1.23 -2.61
H46 NAZ C . 3.78 0.48 -4.25
H47 NAZ C . 1.32 1.77 -7.96
H48 NAZ C . 2.93 1.59 -6.23
H49 NAZ C . 0.85 -3.66 -2.44
H50 NAZ C . -0.78 -0.53 -9.03
H51 NAZ C . -0.67 1.10 -8.96
H52 NAZ C . -1.76 0.32 -8.03
H53 NAZ C . 2.43 -3.12 5.04
H54 NAZ C . 3.41 -2.44 3.92
H55 NAZ C . 2.30 -1.35 1.94
H56 NAZ C . -6.91 -2.48 1.22
H35 NAZ C . -4.09 0.39 -0.40
H57 NAZ C . -5.37 -3.39 2.49
H58 NAZ C . -0.72 -2.61 3.28
H59 NAZ C . -2.95 -3.45 3.31
C1 NAZ D . 1.88 1.03 -0.94
O2 NAZ D . 2.93 1.14 1.60
C3 NAZ D . 4.49 4.18 0.42
N4 NAZ D . 3.11 4.66 0.21
C5 NAZ D . 2.36 5.30 1.33
C6 NAZ D . 0.85 5.08 1.06
C7 NAZ D . 0.27 3.91 1.82
C8 NAZ D . -1.75 2.74 2.52
C9 NAZ D . -1.06 1.82 3.28
N10 NAZ D . -3.12 2.63 2.41
C11 NAZ D . -1.75 0.80 3.92
C12 NAZ D . -3.82 1.62 3.03
C13 NAZ D . -3.13 0.69 3.80
C14 NAZ D . -5.23 -0.41 4.28
C15 NAZ D . -3.86 -0.32 4.42
C16 NAZ D . -5.89 0.53 3.51
N17 NAZ D . -5.20 1.54 2.89
N18 NAZ D . -1.12 3.80 1.85
C19 NAZ D . -7.39 0.43 3.36
O20 NAZ D . 0.95 3.39 2.67
C21 NAZ D . 4.50 2.85 1.23
C22 NAZ D . 3.32 1.99 0.83
N23 NAZ D . 3.03 1.85 -0.51
C24 NAZ D . -2.72 1.51 -5.15
C25 NAZ D . -2.07 2.56 -5.97
N26 NAZ D . -2.06 1.02 -4.03
C27 NAZ D . -0.86 3.03 -5.61
C28 NAZ D . -0.79 1.51 -3.65
C29 NAZ D . -0.18 2.51 -4.41
C30 NAZ D . 1.70 2.50 -2.93
C31 NAZ D . 1.06 3.00 -4.05
C32 NAZ D . 1.11 1.52 -2.16
N33 NAZ D . -0.13 1.03 -2.52
O34 NAZ D . -3.80 1.08 -5.48
H36 NAZ D . 1.25 0.98 -0.16
H37 NAZ D . 2.24 0.12 -1.13
H38 NAZ D . 5.00 4.89 0.93
H39 NAZ D . 4.93 4.06 -0.47
H40 NAZ D . 2.71 4.63 -0.70
H41 NAZ D . 2.64 4.88 2.18
H42 NAZ D . 2.59 6.28 1.34
H43 NAZ D . 0.70 4.91 0.09
H44 NAZ D . 0.33 5.90 1.32
H45 NAZ D . -0.06 1.88 3.38
H46 NAZ D . -1.24 0.12 4.47
H47 NAZ D . -5.75 -1.13 4.72
H48 NAZ D . -3.37 -1.00 4.97
H49 NAZ D . -1.67 4.57 1.55
H50 NAZ D . -7.67 0.88 2.51
H51 NAZ D . -7.84 0.87 4.14
H52 NAZ D . -7.67 -0.53 3.32
H53 NAZ D . 5.35 2.35 1.06
H54 NAZ D . 4.43 3.06 2.21
H55 NAZ D . 3.72 2.10 -1.20
H56 NAZ D . -2.46 2.97 -6.79
H35 NAZ D . -2.56 0.24 -3.43
H57 NAZ D . -0.48 3.74 -6.20
H58 NAZ D . 2.61 2.87 -2.68
H59 NAZ D . 1.49 3.71 -4.60
C1 NAZ C . 0.14 -0.45 1.65
O2 NAZ C . 0.51 -1.22 4.28
C3 NAZ C . 2.30 -3.99 3.12
N4 NAZ C . 2.61 -3.75 1.71
C5 NAZ C . 1.56 -3.89 0.70
C6 NAZ C . 2.21 -4.34 -0.63
C7 NAZ C . 2.44 -3.20 -1.61
C8 NAZ C . 1.61 -1.87 -3.52
C9 NAZ C . 2.65 -0.95 -3.46
N10 NAZ C . 0.69 -1.78 -4.54
C11 NAZ C . 2.75 0.05 -4.44
C12 NAZ C . 0.77 -0.80 -5.51
C13 NAZ C . 1.81 0.11 -5.46
C14 NAZ C . 0.98 1.18 -7.46
C15 NAZ C . 1.90 1.10 -6.44
C16 NAZ C . -0.07 0.27 -7.51
N17 NAZ C . -0.16 -0.72 -6.54
N18 NAZ C . 1.46 -2.91 -2.56
C19 NAZ C . -1.08 0.34 -8.61
O20 NAZ C . 3.30 -2.39 -1.35
C21 NAZ C . 2.32 -2.68 3.92
C22 NAZ C . 1.20 -1.78 3.46
N23 NAZ C . 1.22 -1.32 2.14
C24 NAZ C . -5.87 -0.72 0.07
C25 NAZ C . -6.23 -1.87 0.94
N26 NAZ C . -4.57 -0.24 0.06
C27 NAZ C . -5.27 -2.45 1.69
C28 NAZ C . -3.57 -0.85 0.86
C29 NAZ C . -3.90 -1.94 1.66
C30 NAZ C . -1.62 -2.04 2.44
C31 NAZ C . -2.92 -2.53 2.45
C32 NAZ C . -1.30 -0.96 1.64
N33 NAZ C . -2.27 -0.38 0.86
O34 NAZ C . -6.73 -0.19 -0.62
H36 NAZ C . 0.14 0.34 2.25
H37 NAZ C . 0.39 -0.18 0.72
H38 NAZ C . 2.98 -4.63 3.47
H39 NAZ C . 1.39 -4.42 3.17
H40 NAZ C . 3.50 -3.36 1.45
H41 NAZ C . 1.11 -3.01 0.60
H42 NAZ C . 0.90 -4.57 1.02
H43 NAZ C . 1.62 -5.01 -1.09
H44 NAZ C . 3.09 -4.76 -0.43
H45 NAZ C . 3.34 -0.99 -2.73
H46 NAZ C . 3.51 0.70 -4.41
H47 NAZ C . 1.05 1.89 -8.15
H48 NAZ C . 2.64 1.76 -6.41
H49 NAZ C . 0.62 -3.45 -2.56
H50 NAZ C . -1.02 -0.48 -9.18
H51 NAZ C . -0.90 1.16 -9.18
H52 NAZ C . -2.00 0.40 -8.22
H53 NAZ C . 2.20 -2.87 4.89
H54 NAZ C . 3.19 -2.22 3.77
H55 NAZ C . 2.09 -1.20 1.73
H56 NAZ C . -7.13 -2.28 1.01
H35 NAZ C . -4.31 0.62 -0.59
H57 NAZ C . -5.58 -3.22 2.25
H58 NAZ C . -0.92 -2.47 3.00
H59 NAZ C . -3.15 -3.31 3.03
C1 NAZ D . 1.63 1.30 -1.14
O2 NAZ D . 2.78 1.28 1.34
C3 NAZ D . 4.33 4.36 0.24
N4 NAZ D . 2.95 4.86 0.05
C5 NAZ D . 2.21 5.43 1.19
C6 NAZ D . 0.68 5.24 0.94
C7 NAZ D . 0.11 4.06 1.66
C8 NAZ D . -1.92 2.88 2.37
C9 NAZ D . -1.24 1.94 3.10
N10 NAZ D . -3.30 2.79 2.26
C11 NAZ D . -1.93 0.91 3.72
C12 NAZ D . -4.00 1.78 2.87
C13 NAZ D . -3.32 0.82 3.60
C14 NAZ D . -5.43 -0.25 4.07
C15 NAZ D . -4.05 -0.19 4.21
C16 NAZ D . -6.09 0.69 3.34
N17 NAZ D . -5.38 1.71 2.74
N18 NAZ D . -1.28 3.96 1.73
C19 NAZ D . -7.58 0.63 3.20
O20 NAZ D . 0.79 3.48 2.49
C21 NAZ D . 4.33 3.01 1.02
C22 NAZ D . 3.14 2.17 0.61
N23 NAZ D . 2.80 2.10 -0.74
C24 NAZ D . -2.97 1.81 -5.35
C25 NAZ D . -2.31 2.85 -6.17
N26 NAZ D . -2.32 1.32 -4.23
C27 NAZ D . -1.10 3.31 -5.82
C28 NAZ D . -1.04 1.80 -3.85
C29 NAZ D . -0.42 2.78 -4.63
C30 NAZ D . 1.47 2.78 -3.14
C31 NAZ D . 0.82 3.26 -4.27
C32 NAZ D . 0.88 1.80 -2.36
N33 NAZ D . -0.38 1.31 -2.73
O34 NAZ D . -4.07 1.40 -5.66
H36 NAZ D . 1.00 1.27 -0.37
H37 NAZ D . 1.97 0.38 -1.33
H38 NAZ D . 4.84 5.05 0.75
H39 NAZ D . 4.75 4.25 -0.67
H40 NAZ D . 2.56 4.91 -0.86
H41 NAZ D . 2.48 4.96 2.03
H42 NAZ D . 2.45 6.41 1.28
H43 NAZ D . 0.55 5.09 -0.04
H44 NAZ D . 0.18 6.04 1.22
H45 NAZ D . -0.24 1.99 3.18
H46 NAZ D . -1.43 0.22 4.25
H47 NAZ D . -5.94 -0.98 4.50
H48 NAZ D . -3.56 -0.89 4.73
H49 NAZ D . -1.83 4.75 1.44
H50 NAZ D . -7.99 0.39 4.08
H51 NAZ D . -7.82 -0.07 2.52
H52 NAZ D . -7.93 1.51 2.91
H53 NAZ D . 5.17 2.51 0.82
H54 NAZ D . 4.28 3.20 2.00
H55 NAZ D . 3.48 2.36 -1.42
H56 NAZ D . -2.71 3.26 -6.99
H35 NAZ D . -2.82 0.55 -3.62
H57 NAZ D . -0.72 4.02 -6.42
H58 NAZ D . 2.38 3.13 -2.90
H59 NAZ D . 1.26 3.97 -4.83
C1 NAZ C . -0.13 -0.91 1.77
O2 NAZ C . 0.39 -1.57 4.40
C3 NAZ C . 2.05 -4.42 3.18
N4 NAZ C . 2.39 -4.17 1.77
C5 NAZ C . 1.34 -4.34 0.75
C6 NAZ C . 2.02 -4.76 -0.58
C7 NAZ C . 2.25 -3.62 -1.54
C8 NAZ C . 1.42 -2.28 -3.45
C9 NAZ C . 2.47 -1.35 -3.38
N10 NAZ C . 0.50 -2.18 -4.48
C11 NAZ C . 2.56 -0.36 -4.34
C12 NAZ C . 0.59 -1.19 -5.44
C13 NAZ C . 1.63 -0.27 -5.38
C14 NAZ C . 0.81 0.82 -7.36
C15 NAZ C . 1.73 0.72 -6.33
C16 NAZ C . -0.22 -0.09 -7.44
N17 NAZ C . -0.33 -1.09 -6.48
N18 NAZ C . 1.26 -3.34 -2.50
C19 NAZ C . -1.23 0.01 -8.55
O20 NAZ C . 3.10 -2.79 -1.27
C21 NAZ C . 2.11 -3.11 3.99
C22 NAZ C . 0.98 -2.20 3.56
N23 NAZ C . 0.95 -1.78 2.24
C24 NAZ C . -6.19 -1.16 0.42
C25 NAZ C . -6.53 -2.26 1.36
N26 NAZ C . -4.88 -0.71 0.34
C27 NAZ C . -5.56 -2.81 2.11
C28 NAZ C . -3.87 -1.28 1.14
C29 NAZ C . -4.18 -2.32 2.01
C30 NAZ C . -1.89 -2.43 2.71
C31 NAZ C . -3.19 -2.88 2.80
C32 NAZ C . -1.57 -1.40 1.84
N33 NAZ C . -2.57 -0.83 1.06
O34 NAZ C . -7.06 -0.67 -0.27
H36 NAZ C . -0.09 -0.10 2.36
H37 NAZ C . 0.07 -0.65 0.84
H38 NAZ C . 2.71 -5.08 3.53
H39 NAZ C . 1.13 -4.82 3.23
H40 NAZ C . 3.29 -3.81 1.52
H41 NAZ C . 0.87 -3.47 0.65
H42 NAZ C . 0.69 -5.04 1.06
H43 NAZ C . 1.45 -5.43 -1.04
H44 NAZ C . 2.91 -5.17 -0.37
H45 NAZ C . 3.13 -1.41 -2.65
H46 NAZ C . 3.31 0.31 -4.29
H47 NAZ C . 0.90 1.54 -8.04
H48 NAZ C . 2.47 1.39 -6.28
H49 NAZ C . 0.42 -3.88 -2.51
H50 NAZ C . -2.00 0.58 -8.27
H51 NAZ C . -1.56 -0.91 -8.78
H52 NAZ C . -0.79 0.41 -9.36
H53 NAZ C . 2.02 -3.31 4.96
H54 NAZ C . 2.99 -2.65 3.83
H55 NAZ C . 1.81 -1.68 1.77
H56 NAZ C . -7.44 -2.65 1.49
H35 NAZ C . -4.64 0.11 -0.36
H57 NAZ C . -5.86 -3.55 2.72
H58 NAZ C . -1.17 -2.83 3.27
H59 NAZ C . -3.41 -3.63 3.43
C1 NAZ D . 1.29 0.72 -1.00
O2 NAZ D . 2.58 0.41 1.41
C3 NAZ D . 3.85 3.66 0.93
N4 NAZ D . 2.68 4.08 1.73
C5 NAZ D . 1.90 5.28 1.36
C6 NAZ D . 0.47 4.85 0.93
C7 NAZ D . -0.10 3.72 1.76
C8 NAZ D . -2.11 2.49 2.42
C9 NAZ D . -1.40 1.57 3.18
N10 NAZ D . -3.49 2.41 2.38
C11 NAZ D . -2.09 0.58 3.86
C12 NAZ D . -4.18 1.44 3.06
C13 NAZ D . -3.49 0.51 3.81
C14 NAZ D . -5.57 -0.53 4.43
C15 NAZ D . -4.18 -0.48 4.49
C16 NAZ D . -6.25 0.40 3.68
N17 NAZ D . -5.56 1.37 3.00
N18 NAZ D . -1.48 3.53 1.70
C19 NAZ D . -7.75 0.33 3.60
O20 NAZ D . 0.53 3.28 2.69
C21 NAZ D . 4.13 2.17 1.15
C22 NAZ D . 2.92 1.36 0.73
N23 NAZ D . 2.47 1.47 -0.57
C24 NAZ D . -3.21 1.24 -5.33
C25 NAZ D . -2.56 2.30 -6.11
N26 NAZ D . -2.59 0.74 -4.19
C27 NAZ D . -1.36 2.77 -5.72
C28 NAZ D . -1.32 1.23 -3.77
C29 NAZ D . -0.71 2.23 -4.51
C30 NAZ D . 1.15 2.23 -2.98
C31 NAZ D . 0.52 2.73 -4.11
C32 NAZ D . 0.55 1.22 -2.23
N33 NAZ D . -0.69 0.73 -2.64
O34 NAZ D . -4.29 0.81 -5.67
H36 NAZ D . 0.64 0.71 -0.22
H37 NAZ D . 1.58 -0.22 -1.18
H38 NAZ D . 4.64 4.21 1.21
H39 NAZ D . 3.65 3.85 -0.04
H40 NAZ D . 2.42 3.55 2.54
H41 NAZ D . 1.87 5.90 2.14
H42 NAZ D . 2.37 5.74 0.59
H43 NAZ D . 0.48 4.55 -0.01
H44 NAZ D . -0.15 5.63 1.02
H45 NAZ D . -0.41 1.61 3.22
H46 NAZ D . -1.56 -0.09 4.41
H47 NAZ D . -6.06 -1.23 4.91
H48 NAZ D . -3.69 -1.15 5.04
H49 NAZ D . -2.06 4.26 1.33
H50 NAZ D . -8.03 -0.43 3.02
H51 NAZ D . -8.11 1.19 3.23
H52 NAZ D . -8.12 0.19 4.52
H53 NAZ D . 4.92 1.88 0.59
H54 NAZ D . 4.32 2.00 2.11
H55 NAZ D . 3.11 1.83 -1.25
H56 NAZ D . -2.93 2.71 -6.94
H35 NAZ D . -3.09 -0.06 -3.61
H57 NAZ D . -0.97 3.49 -6.29
H58 NAZ D . 2.04 2.59 -2.71
H59 NAZ D . 0.97 3.45 -4.65
C1 NAZ C . -0.05 -0.97 1.98
O2 NAZ C . 0.42 -1.68 4.60
C3 NAZ C . 2.16 -4.48 3.33
N4 NAZ C . 2.48 -4.17 1.92
C5 NAZ C . 1.45 -4.43 0.90
C6 NAZ C . 2.17 -4.85 -0.41
C7 NAZ C . 2.40 -3.69 -1.37
C8 NAZ C . 1.56 -2.36 -3.27
C9 NAZ C . 2.60 -1.44 -3.22
N10 NAZ C . 0.61 -2.23 -4.29
C11 NAZ C . 2.70 -0.43 -4.17
C12 NAZ C . 0.71 -1.23 -5.25
C13 NAZ C . 1.76 -0.33 -5.18
C14 NAZ C . 0.92 0.78 -7.15
C15 NAZ C . 1.86 0.67 -6.13
C16 NAZ C . -0.14 -0.12 -7.21
N17 NAZ C . -0.23 -1.12 -6.26
N18 NAZ C . 1.41 -3.41 -2.32
C19 NAZ C . -1.16 0.00 -8.31
O20 NAZ C . 3.27 -2.89 -1.13
C21 NAZ C . 2.17 -3.20 4.18
C22 NAZ C . 1.04 -2.29 3.76
N23 NAZ C . 1.02 -1.84 2.44
C24 NAZ C . -6.09 -1.25 0.49
C25 NAZ C . -6.43 -2.36 1.42
N26 NAZ C . -4.78 -0.78 0.45
C27 NAZ C . -5.48 -2.91 2.19
C28 NAZ C . -3.78 -1.37 1.25
C29 NAZ C . -4.11 -2.41 2.12
C30 NAZ C . -1.82 -2.50 2.86
C31 NAZ C . -3.12 -2.97 2.92
C32 NAZ C . -1.49 -1.47 2.00
N33 NAZ C . -2.48 -0.90 1.21
O34 NAZ C . -6.94 -0.75 -0.20
H36 NAZ C . -0.02 -0.17 2.57
H37 NAZ C . 0.16 -0.70 1.05
H38 NAZ C . 2.84 -5.13 3.65
H39 NAZ C . 1.26 -4.91 3.36
H40 NAZ C . 3.41 -3.96 1.66
H41 NAZ C . 0.93 -3.60 0.77
H42 NAZ C . 0.86 -5.16 1.22
H43 NAZ C . 1.63 -5.53 -0.89
H44 NAZ C . 3.07 -5.22 -0.18
H45 NAZ C . 3.30 -1.51 -2.49
H46 NAZ C . 3.45 0.22 -4.13
H47 NAZ C . 1.00 1.51 -7.83
H48 NAZ C . 2.61 1.32 -6.09
H49 NAZ C . 0.57 -3.95 -2.32
H50 NAZ C . -0.76 -0.30 -9.17
H51 NAZ C . -1.44 0.96 -8.39
H52 NAZ C . -1.94 -0.57 -8.10
H53 NAZ C . 2.04 -3.44 5.15
H54 NAZ C . 3.04 -2.72 4.06
H55 NAZ C . 1.89 -1.72 2.00
H56 NAZ C . -7.34 -2.76 1.52
H35 NAZ C . -4.52 0.03 -0.25
H57 NAZ C . -5.79 -3.64 2.79
H58 NAZ C . -1.11 -2.91 3.44
H59 NAZ C . -3.35 -3.72 3.54
C1 NAZ D . 1.44 0.66 -0.84
O2 NAZ D . 2.33 0.88 1.75
C3 NAZ D . 4.13 3.75 0.52
N4 NAZ D . 2.78 4.29 0.24
C5 NAZ D . 2.02 4.99 1.29
C6 NAZ D . 0.51 4.76 1.03
C7 NAZ D . -0.06 3.62 1.84
C8 NAZ D . -2.07 2.43 2.56
C9 NAZ D . -1.37 1.53 3.33
N10 NAZ D . -3.45 2.34 2.48
C11 NAZ D . -2.07 0.53 4.01
C12 NAZ D . -4.15 1.37 3.14
C13 NAZ D . -3.46 0.45 3.92
C14 NAZ D . -5.56 -0.60 4.48
C15 NAZ D . -4.17 -0.54 4.59
C16 NAZ D . -6.24 0.31 3.71
N17 NAZ D . -5.53 1.29 3.05
N18 NAZ D . -1.44 3.48 1.84
C19 NAZ D . -7.73 0.24 3.59
O20 NAZ D . 0.59 3.17 2.75
C21 NAZ D . 4.04 2.46 1.37
C22 NAZ D . 2.84 1.63 0.95
N23 NAZ D . 2.60 1.45 -0.39
C24 NAZ D . -3.06 1.24 -5.15
C25 NAZ D . -2.40 2.31 -5.92
N26 NAZ D . -2.44 0.72 -4.02
C27 NAZ D . -1.19 2.77 -5.53
C28 NAZ D . -1.18 1.21 -3.59
C29 NAZ D . -0.55 2.22 -4.32
C30 NAZ D . 1.31 2.19 -2.79
C31 NAZ D . 0.69 2.70 -3.91
C32 NAZ D . 0.69 1.18 -2.06
N33 NAZ D . -0.55 0.69 -2.47
O34 NAZ D . -4.14 0.81 -5.51
H36 NAZ D . 0.80 0.63 -0.07
H37 NAZ D . 1.76 -0.27 -1.03
H38 NAZ D . 4.65 4.45 1.02
H39 NAZ D . 4.59 3.56 -0.35
H40 NAZ D . 2.43 4.26 -0.70
H41 NAZ D . 2.29 4.62 2.18
H42 NAZ D . 2.25 5.97 1.25
H43 NAZ D . 0.37 4.54 0.07
H44 NAZ D . -0.01 5.58 1.26
H45 NAZ D . -0.38 1.57 3.39
H46 NAZ D . -1.55 -0.13 4.56
H47 NAZ D . -6.06 -1.31 4.95
H48 NAZ D . -3.69 -1.21 5.15
H49 NAZ D . -2.01 4.22 1.50
H50 NAZ D . -7.98 -0.12 2.70
H51 NAZ D . -8.12 1.15 3.71
H52 NAZ D . -8.08 -0.36 4.31
H53 NAZ D . 4.87 1.91 1.26
H54 NAZ D . 3.93 2.70 2.34
H55 NAZ D . 3.32 1.67 -1.06
H56 NAZ D . -2.76 2.74 -6.75
H35 NAZ D . -2.94 -0.08 -3.46
H57 NAZ D . -0.81 3.50 -6.09
H58 NAZ D . 2.19 2.54 -2.51
H59 NAZ D . 1.13 3.43 -4.44
C1 NAZ C . 0.29 -0.43 1.77
O2 NAZ C . 0.64 -1.21 4.38
C3 NAZ C . 2.33 -4.05 3.23
N4 NAZ C . 2.69 -3.83 1.83
C5 NAZ C . 1.64 -3.96 0.80
C6 NAZ C . 2.31 -4.38 -0.53
C7 NAZ C . 2.56 -3.23 -1.48
C8 NAZ C . 1.75 -1.88 -3.40
C9 NAZ C . 2.81 -0.96 -3.33
N10 NAZ C . 0.82 -1.76 -4.42
C11 NAZ C . 2.90 0.04 -4.29
C12 NAZ C . 0.92 -0.76 -5.38
C13 NAZ C . 1.96 0.14 -5.32
C14 NAZ C . 1.14 1.25 -7.29
C15 NAZ C . 2.06 1.15 -6.27
C16 NAZ C . 0.09 0.35 -7.36
N17 NAZ C . -0.01 -0.66 -6.40
N18 NAZ C . 1.58 -2.94 -2.45
C19 NAZ C . -0.93 0.46 -8.46
O20 NAZ C . 3.46 -2.46 -1.27
C21 NAZ C . 2.41 -2.72 4.02
C22 NAZ C . 1.30 -1.80 3.56
N23 NAZ C . 1.34 -1.33 2.26
C24 NAZ C . -5.68 -0.66 0.06
C25 NAZ C . -6.06 -1.81 0.92
N26 NAZ C . -4.38 -0.18 0.06
C27 NAZ C . -5.13 -2.38 1.70
C28 NAZ C . -3.41 -0.80 0.88
C29 NAZ C . -3.75 -1.87 1.70
C30 NAZ C . -1.50 -1.99 2.51
C31 NAZ C . -2.79 -2.47 2.50
C32 NAZ C . -1.15 -0.93 1.71
N33 NAZ C . -2.10 -0.34 0.90
O34 NAZ C . -6.52 -0.13 -0.65
H36 NAZ C . 0.30 0.35 2.38
H37 NAZ C . 0.57 -0.14 0.85
H38 NAZ C . 2.97 -4.71 3.62
H39 NAZ C . 1.41 -4.43 3.28
H40 NAZ C . 3.60 -3.49 1.59
H41 NAZ C . 1.20 -3.07 0.72
H42 NAZ C . 0.98 -4.64 1.10
H43 NAZ C . 1.72 -5.04 -1.00
H44 NAZ C . 3.19 -4.80 -0.33
H45 NAZ C . 3.48 -1.03 -2.60
H46 NAZ C . 3.66 0.70 -4.24
H47 NAZ C . 1.22 1.97 -7.97
H48 NAZ C . 2.82 1.80 -6.22
H49 NAZ C . 0.75 -3.48 -2.49
H50 NAZ C . -0.91 -0.38 -9.01
H51 NAZ C . -0.70 1.24 -9.05
H52 NAZ C . -1.84 0.58 -8.07
H53 NAZ C . 2.28 -2.91 5.01
H54 NAZ C . 3.29 -2.29 3.87
H55 NAZ C . 2.24 -1.21 1.85
H56 NAZ C . -6.97 -2.21 0.98
H35 NAZ C . -4.10 0.66 -0.58
H57 NAZ C . -5.45 -3.15 2.25
H58 NAZ C . -0.81 -2.42 3.10
H59 NAZ C . -3.05 -3.25 3.08
C1 NAZ D . 1.74 1.17 -0.93
O2 NAZ D . 2.94 0.95 1.54
C3 NAZ D . 4.17 4.21 1.11
N4 NAZ D . 3.07 4.60 2.02
C5 NAZ D . 2.26 5.80 1.73
C6 NAZ D . 0.87 5.36 1.21
C7 NAZ D . 0.27 4.18 1.94
C8 NAZ D . -1.75 2.91 2.49
C9 NAZ D . -1.07 1.96 3.23
N10 NAZ D . -3.12 2.81 2.37
C11 NAZ D . -1.77 0.92 3.82
C12 NAZ D . -3.83 1.79 2.95
C13 NAZ D . -3.16 0.84 3.69
C14 NAZ D . -5.27 -0.26 4.13
C15 NAZ D . -3.89 -0.20 4.28
C16 NAZ D . -5.92 0.70 3.40
N17 NAZ D . -5.21 1.72 2.81
N18 NAZ D . -1.10 3.99 1.85
C19 NAZ D . -7.41 0.61 3.24
O20 NAZ D . 0.90 3.65 2.82
C21 NAZ D . 4.48 2.71 1.29
C22 NAZ D . 3.28 1.90 0.86
N23 NAZ D . 2.91 1.94 -0.48
C24 NAZ D . -2.80 1.77 -5.19
C25 NAZ D . -2.14 2.84 -5.98
N26 NAZ D . -2.17 1.24 -4.08
C27 NAZ D . -0.94 3.30 -5.59
C28 NAZ D . -0.89 1.74 -3.67
C29 NAZ D . -0.27 2.75 -4.40
C30 NAZ D . 1.60 2.71 -2.90
C31 NAZ D . 0.96 3.22 -4.01
C32 NAZ D . 1.00 1.71 -2.15
N33 NAZ D . -0.25 1.22 -2.55
O34 NAZ D . -3.89 1.35 -5.54
H36 NAZ D . 1.10 1.13 -0.16
H37 NAZ D . 2.07 0.25 -1.13
H38 NAZ D . 4.98 4.76 1.33
H39 NAZ D . 3.88 4.39 0.18
H40 NAZ D . 2.80 3.99 2.76
H41 NAZ D . 2.16 6.33 2.57
H42 NAZ D . 2.74 6.35 1.04
H43 NAZ D . 0.93 5.12 0.25
H44 NAZ D . 0.22 6.13 1.31
H45 NAZ D . -0.08 2.01 3.33
H46 NAZ D . -1.28 0.23 4.36
H47 NAZ D . -5.78 -1.00 4.55
H48 NAZ D . -3.41 -0.88 4.81
H49 NAZ D . -1.66 4.74 1.51
H50 NAZ D . -7.80 0.11 4.00
H51 NAZ D . -7.64 0.15 2.38
H52 NAZ D . -7.79 1.54 3.22
H53 NAZ D . 5.27 2.46 0.74
H54 NAZ D . 4.67 2.52 2.26
H55 NAZ D . 3.58 2.25 -1.16
H56 NAZ D . -2.53 3.27 -6.80
H35 NAZ D . -2.66 0.45 -3.50
H57 NAZ D . -0.56 4.02 -6.17
H58 NAZ D . 2.49 3.06 -2.62
H59 NAZ D . 1.40 3.95 -4.54
C1 NAZ C . 0.56 -0.97 2.75
O2 NAZ C . 2.09 -2.29 0.92
C3 NAZ C . 2.70 -4.95 2.80
N4 NAZ C . 2.62 -5.82 1.61
C5 NAZ C . 1.97 -5.30 0.39
C6 NAZ C . 2.96 -5.49 -0.78
C7 NAZ C . 3.10 -4.26 -1.66
C8 NAZ C . 2.04 -2.68 -3.21
C9 NAZ C . 3.06 -1.73 -3.16
N10 NAZ C . 1.03 -2.52 -4.15
C11 NAZ C . 3.06 -0.65 -4.03
C12 NAZ C . 1.02 -1.45 -5.03
C13 NAZ C . 2.04 -0.51 -4.97
C14 NAZ C . 1.02 0.72 -6.77
C15 NAZ C . 2.02 0.57 -5.84
C16 NAZ C . 0.00 -0.22 -6.84
N17 NAZ C . 0.01 -1.29 -5.97
N18 NAZ C . 1.99 -3.81 -2.36
C19 NAZ C . -1.10 -0.06 -7.85
O20 NAZ C . 4.02 -3.50 -1.45
C21 NAZ C . 3.34 -3.60 2.43
C22 NAZ C . 2.26 -2.60 2.08
N23 NAZ C . 1.60 -1.92 3.09
C24 NAZ C . -5.24 -1.26 0.54
C25 NAZ C . -5.69 -2.40 1.38
N26 NAZ C . -3.95 -0.79 0.65
C27 NAZ C . -4.83 -2.97 2.24
C28 NAZ C . -3.04 -1.38 1.58
C29 NAZ C . -3.46 -2.44 2.37
C30 NAZ C . -1.27 -2.54 3.38
C31 NAZ C . -2.56 -3.03 3.26
C32 NAZ C . -0.86 -1.47 2.59
N33 NAZ C . -1.75 -0.91 1.70
O34 NAZ C . -6.01 -0.76 -0.25
H36 NAZ C . 0.54 -0.28 3.49
H37 NAZ C . 0.84 -0.52 1.89
H38 NAZ C . 3.25 -5.43 3.50
H39 NAZ C . 1.78 -4.82 3.15
H40 NAZ C . 3.09 -6.69 1.59
H41 NAZ C . 1.77 -4.33 0.53
H42 NAZ C . 1.12 -5.81 0.23
H43 NAZ C . 2.64 -6.24 -1.37
H44 NAZ C . 3.86 -5.71 -0.41
H45 NAZ C . 3.80 -1.82 -2.49
H46 NAZ C . 3.79 0.04 -3.98
H47 NAZ C . 1.01 1.50 -7.39
H48 NAZ C . 2.75 1.25 -5.80
H49 NAZ C . 1.13 -4.32 -2.26
H50 NAZ C . -1.91 -0.54 -7.54
H51 NAZ C . -0.81 -0.43 -8.73
H52 NAZ C . -1.31 0.91 -7.96
H53 NAZ C . 3.87 -3.26 3.21
H54 NAZ C . 3.95 -3.72 1.64
H55 NAZ C . 2.04 -1.85 3.98
H56 NAZ C . -6.60 -2.80 1.36
H35 NAZ C . -3.62 0.06 0.03
H57 NAZ C . -5.20 -3.72 2.78
H58 NAZ C . -0.63 -2.95 4.02
H59 NAZ C . -2.86 -3.79 3.83
C1 NAZ D . 2.19 0.39 -0.58
O2 NAZ D . 3.04 0.62 2.01
C3 NAZ D . 4.13 3.79 1.62
N4 NAZ D . 3.27 4.07 2.79
C5 NAZ D . 2.38 5.25 2.77
C6 NAZ D . 1.03 4.84 2.13
C7 NAZ D . 0.36 3.68 2.82
C8 NAZ D . -1.73 2.44 3.18
C9 NAZ D . -1.15 1.53 4.05
N10 NAZ D . -3.07 2.32 2.88
C11 NAZ D . -1.92 0.51 4.59
C12 NAZ D . -3.84 1.32 3.41
C13 NAZ D . -3.27 0.41 4.28
C14 NAZ D . -5.40 -0.70 4.48
C15 NAZ D . -4.05 -0.60 4.80
C16 NAZ D . -5.96 0.22 3.62
N17 NAZ D . -5.18 1.23 3.10
N18 NAZ D . -1.00 3.51 2.60
C19 NAZ D . -7.42 0.12 3.28
O20 NAZ D . 0.90 3.16 3.77
C21 NAZ D . 4.62 2.33 1.68
C22 NAZ D . 3.51 1.41 1.23
N23 NAZ D . 3.26 1.28 -0.13
C24 NAZ D . -2.83 0.86 -4.26
C25 NAZ D . -2.30 1.93 -5.12
N26 NAZ D . -2.05 0.37 -3.22
C27 NAZ D . -1.07 2.42 -4.90
C28 NAZ D . -0.75 0.89 -2.98
C29 NAZ D . -0.25 1.90 -3.79
C30 NAZ D . 1.79 1.91 -2.52
C31 NAZ D . 1.01 2.39 -3.56
C32 NAZ D . 1.30 0.90 -1.70
N33 NAZ D . 0.03 0.40 -1.94
O34 NAZ D . -3.94 0.41 -4.45
H36 NAZ D . 1.61 0.21 0.22
H37 NAZ D . 2.61 -0.46 -0.87
H38 NAZ D . 4.90 4.41 1.63
H39 NAZ D . 3.59 3.93 0.79
H40 NAZ D . 3.15 3.37 3.49
H41 NAZ D . 2.24 5.56 3.70
H42 NAZ D . 2.81 5.98 2.24
H43 NAZ D . 1.17 4.58 1.18
H44 NAZ D . 0.40 5.62 2.17
H45 NAZ D . -0.17 1.60 4.28
H46 NAZ D . -1.51 -0.15 5.21
H47 NAZ D . -5.95 -1.42 4.87
H48 NAZ D . -3.64 -1.26 5.42
H49 NAZ D . -1.52 4.25 2.17
H50 NAZ D . -7.73 -0.81 3.45
H51 NAZ D . -7.54 0.34 2.31
H52 NAZ D . -7.94 0.75 3.84
H53 NAZ D . 5.41 2.21 1.08
H54 NAZ D . 4.87 2.10 2.62
H55 NAZ D . 3.96 1.57 -0.80
H56 NAZ D . -2.78 2.35 -5.89
H35 NAZ D . -2.45 -0.43 -2.58
H57 NAZ D . -0.77 3.15 -5.52
H58 NAZ D . 2.69 2.29 -2.37
H59 NAZ D . 1.36 3.11 -4.14
C1 NAZ C . -0.15 -0.65 1.79
O2 NAZ C . 0.14 -1.41 4.42
C3 NAZ C . 1.65 -4.36 3.42
N4 NAZ C . 2.26 -4.37 2.08
C5 NAZ C . 1.40 -4.20 0.91
C6 NAZ C . 2.21 -4.58 -0.36
C7 NAZ C . 2.34 -3.46 -1.36
C8 NAZ C . 1.40 -2.25 -3.30
C9 NAZ C . 2.40 -1.26 -3.31
N10 NAZ C . 0.44 -2.23 -4.32
C11 NAZ C . 2.41 -0.30 -4.32
C12 NAZ C . 0.45 -1.27 -5.31
C13 NAZ C . 1.44 -0.30 -5.31
C14 NAZ C . 0.49 0.67 -7.30
C15 NAZ C . 1.46 0.67 -6.30
C16 NAZ C . -0.49 -0.30 -7.31
N17 NAZ C . -0.51 -1.26 -6.31
N18 NAZ C . 1.33 -3.27 -2.32
C19 NAZ C . -1.53 -0.29 -8.39
O20 NAZ C . 3.18 -2.61 -1.19
C21 NAZ C . 1.85 -2.98 4.10
C22 NAZ C . 0.79 -2.03 3.61
N23 NAZ C . 0.85 -1.58 2.30
C24 NAZ C . -6.14 -0.67 0.05
C25 NAZ C . -6.56 -1.80 0.91
N26 NAZ C . -4.81 -0.24 0.07
C27 NAZ C . -5.65 -2.40 1.70
C28 NAZ C . -3.87 -0.89 0.89
C29 NAZ C . -4.25 -1.95 1.70
C30 NAZ C . -2.01 -2.15 2.54
C31 NAZ C . -3.33 -2.58 2.52
C32 NAZ C . -1.61 -1.09 1.73
N33 NAZ C . -2.54 -0.47 0.92
O34 NAZ C . -6.94 -0.11 -0.66
H36 NAZ C . -0.12 0.14 2.39
H37 NAZ C . 0.13 -0.38 0.87
H38 NAZ C . 2.08 -5.07 3.96
H39 NAZ C . 0.68 -4.56 3.32
H40 NAZ C . 3.19 -4.69 1.96
H41 NAZ C . 1.11 -3.24 0.87
H42 NAZ C . 0.59 -4.78 1.00
H43 NAZ C . 1.76 -5.35 -0.83
H44 NAZ C . 3.12 -4.86 -0.08
H45 NAZ C . 3.09 -1.25 -2.59
H46 NAZ C . 3.12 0.41 -4.31
H47 NAZ C . 0.52 1.37 -8.02
H48 NAZ C . 2.16 1.36 -6.30
H49 NAZ C . 0.54 -3.88 -2.30
H50 NAZ C . -2.42 -0.54 -7.99
H51 NAZ C . -1.29 -0.96 -9.09
H52 NAZ C . -1.59 0.62 -8.79
H53 NAZ C . 1.76 -3.09 5.08
H54 NAZ C . 2.74 -2.62 3.86
H55 NAZ C . 1.75 -1.51 1.90
H56 NAZ C . -7.49 -2.16 0.97
H35 NAZ C . -4.50 0.60 -0.58
H57 NAZ C . -6.01 -3.15 2.26
H58 NAZ C . -1.35 -2.60 3.12
H59 NAZ C . -3.61 -3.34 3.11
C1 NAZ D . 1.35 1.11 -1.18
O2 NAZ D . 2.63 0.81 1.21
C3 NAZ D . 3.82 4.09 0.93
N4 NAZ D . 2.81 4.41 1.95
C5 NAZ D . 1.97 5.62 1.81
C6 NAZ D . 0.59 5.21 1.24
C7 NAZ D . -0.04 4.04 1.96
C8 NAZ D . -2.10 2.82 2.47
C9 NAZ D . -1.46 1.83 3.20
N10 NAZ D . -3.48 2.78 2.34
C11 NAZ D . -2.21 0.83 3.79
C12 NAZ D . -4.22 1.79 2.91
C13 NAZ D . -3.60 0.80 3.65
C14 NAZ D . -5.75 -0.20 4.08
C15 NAZ D . -4.36 -0.19 4.23
C16 NAZ D . -6.36 0.79 3.35
N17 NAZ D . -5.60 1.78 2.77
N18 NAZ D . -1.42 3.89 1.84
C19 NAZ D . -7.85 0.77 3.19
O20 NAZ D . 0.57 3.49 2.85
C21 NAZ D . 4.16 2.58 0.99
C22 NAZ D . 2.97 1.77 0.56
N23 NAZ D . 2.52 1.89 -0.75
C24 NAZ D . -3.35 1.66 -5.27
C25 NAZ D . -2.70 2.67 -6.13
N26 NAZ D . -2.67 1.18 -4.14
C27 NAZ D . -1.46 3.11 -5.83
C28 NAZ D . -1.37 1.64 -3.83
C29 NAZ D . -0.76 2.59 -4.64
C30 NAZ D . 1.18 2.56 -3.22
C31 NAZ D . 0.51 3.03 -4.33
C32 NAZ D . 0.58 1.62 -2.40
N33 NAZ D . -0.70 1.16 -2.71
O34 NAZ D . -4.46 1.26 -5.53
H36 NAZ D . 0.71 1.08 -0.41
H37 NAZ D . 1.67 0.19 -1.38
H38 NAZ D . 4.64 4.63 1.10
H39 NAZ D . 3.44 4.31 0.03
H40 NAZ D . 2.59 3.74 2.67
H41 NAZ D . 1.87 6.05 2.71
H42 NAZ D . 2.43 6.25 1.18
H43 NAZ D . 0.69 4.94 0.28
H44 NAZ D . -0.04 5.98 1.31
H45 NAZ D . -0.46 1.85 3.30
H46 NAZ D . -1.74 0.11 4.31
H47 NAZ D . -6.29 -0.91 4.50
H48 NAZ D . -3.93 -0.91 4.75
H49 NAZ D . -1.95 4.65 1.49
H50 NAZ D . -8.24 1.58 3.64
H51 NAZ D . -8.23 -0.06 3.60
H52 NAZ D . -8.09 0.80 2.22
H53 NAZ D . 4.93 2.39 0.39
H54 NAZ D . 4.40 2.33 1.93
H55 NAZ D . 3.12 2.29 -1.44
H56 NAZ D . -3.11 3.06 -6.95
H35 NAZ D . -3.17 0.43 -3.50
H57 NAZ D . -1.08 3.79 -6.46
H58 NAZ D . 2.10 2.89 -3.01
H59 NAZ D . 0.95 3.71 -4.93
C1 NAZ C . -0.34 -1.29 2.03
O2 NAZ C . 0.02 -2.04 4.66
C3 NAZ C . 1.84 -4.81 3.41
N4 NAZ C . 2.29 -4.44 2.05
C5 NAZ C . 1.39 -4.67 0.91
C6 NAZ C . 2.24 -5.01 -0.33
C7 NAZ C . 2.41 -3.84 -1.29
C8 NAZ C . 1.52 -2.52 -3.18
C9 NAZ C . 2.54 -1.58 -3.13
N10 NAZ C . 0.56 -2.44 -4.18
C11 NAZ C . 2.59 -0.57 -4.08
C12 NAZ C . 0.60 -1.42 -5.13
C13 NAZ C . 1.62 -0.49 -5.08
C14 NAZ C . 0.72 0.61 -7.02
C15 NAZ C . 1.67 0.53 -6.03
C16 NAZ C . -0.30 -0.32 -7.07
N17 NAZ C . -0.36 -1.33 -6.14
N18 NAZ C . 1.42 -3.59 -2.23
C19 NAZ C . -1.35 -0.22 -8.17
O20 NAZ C . 3.26 -3.02 -1.06
C21 NAZ C . 1.78 -3.56 4.31
C22 NAZ C . 0.68 -2.64 3.84
N23 NAZ C . 0.71 -2.18 2.53
C24 NAZ C . -6.34 -1.48 0.38
C25 NAZ C . -6.72 -2.60 1.28
N26 NAZ C . -5.03 -1.03 0.38
C27 NAZ C . -5.80 -3.16 2.06
C28 NAZ C . -4.05 -1.64 1.20
C29 NAZ C . -4.41 -2.69 2.04
C30 NAZ C . -2.15 -2.82 2.83
C31 NAZ C . -3.45 -3.27 2.85
C32 NAZ C . -1.79 -1.77 2.01
N33 NAZ C . -2.74 -1.19 1.20
O34 NAZ C . -7.17 -0.96 -0.32
H36 NAZ C . -0.32 -0.49 2.63
H37 NAZ C . -0.09 -1.02 1.10
H38 NAZ C . 2.48 -5.46 3.77
H39 NAZ C . 0.94 -5.22 3.34
H40 NAZ C . 3.25 -4.20 1.89
H41 NAZ C . 0.85 -3.85 0.78
H42 NAZ C . 0.78 -5.44 1.15
H43 NAZ C . 1.81 -5.75 -0.85
H44 NAZ C . 3.15 -5.30 -0.03
H45 NAZ C . 3.24 -1.63 -2.42
H46 NAZ C . 3.31 0.11 -4.05
H47 NAZ C . 0.76 1.35 -7.71
H48 NAZ C . 2.40 1.20 -5.99
H49 NAZ C . 0.62 -4.20 -2.28
H50 NAZ C . -0.98 -0.59 -9.02
H51 NAZ C . -1.60 0.74 -8.30
H52 NAZ C . -2.15 -0.75 -7.90
H53 NAZ C . 1.59 -3.83 5.25
H54 NAZ C . 2.65 -3.06 4.27
H55 NAZ C . 1.60 -2.06 2.12
H56 NAZ C . -7.63 -2.98 1.35
H35 NAZ C . -4.74 -0.20 -0.29
H57 NAZ C . -6.12 -3.92 2.63
H58 NAZ C . -1.46 -3.24 3.43
H59 NAZ C . -3.71 -4.03 3.46
C1 NAZ D . 1.29 0.43 -0.76
O2 NAZ D . 2.24 0.49 1.82
C3 NAZ D . 3.95 3.48 0.75
N4 NAZ D . 2.59 3.97 0.46
C5 NAZ D . 1.80 4.66 1.51
C6 NAZ D . 0.30 4.43 1.21
C7 NAZ D . -0.30 3.28 1.97
C8 NAZ D . -2.35 2.11 2.64
C9 NAZ D . -1.68 1.18 3.41
N10 NAZ D . -3.72 2.05 2.53
C11 NAZ D . -2.40 0.18 4.04
C12 NAZ D . -4.44 1.07 3.15
C13 NAZ D . -3.79 0.11 3.92
C14 NAZ D . -5.92 -0.91 4.41
C15 NAZ D . -4.54 -0.87 4.55
C16 NAZ D . -6.57 0.03 3.64
N17 NAZ D . -5.82 1.02 3.02
N18 NAZ D . -1.68 3.16 1.97
C19 NAZ D . -8.06 -0.01 3.49
O20 NAZ D . 0.34 2.75 2.85
C21 NAZ D . 3.89 2.14 1.52
C22 NAZ D . 2.71 1.31 1.06
N23 NAZ D . 2.44 1.22 -0.29
C24 NAZ D . -3.22 1.04 -5.06
C25 NAZ D . -2.58 2.14 -5.81
N26 NAZ D . -2.59 0.51 -3.95
C27 NAZ D . -1.38 2.62 -5.40
C28 NAZ D . -1.33 1.00 -3.51
C29 NAZ D . -0.73 2.04 -4.21
C30 NAZ D . 1.13 2.01 -2.69
C31 NAZ D . 0.50 2.53 -3.80
C32 NAZ D . 0.54 0.97 -1.97
N33 NAZ D . -0.69 0.48 -2.39
O34 NAZ D . -4.29 0.61 -5.42
H36 NAZ D . 0.65 0.37 0.00
H37 NAZ D . 1.63 -0.49 -0.98
H38 NAZ D . 4.42 4.17 1.30
H39 NAZ D . 4.44 3.37 -0.12
H40 NAZ D . 2.22 3.91 -0.47
H41 NAZ D . 2.04 4.26 2.40
H42 NAZ D . 2.03 5.63 1.50
H43 NAZ D . 0.18 4.24 0.24
H44 NAZ D . -0.23 5.25 1.43
H45 NAZ D . -0.68 1.22 3.49
H46 NAZ D . -1.91 -0.50 4.60
H47 NAZ D . -6.45 -1.62 4.85
H48 NAZ D . -4.08 -1.56 5.10
H49 NAZ D . -2.23 3.93 1.62
H50 NAZ D . -8.31 0.33 2.58
H51 NAZ D . -8.48 0.56 4.19
H52 NAZ D . -8.38 -0.96 3.59
H53 NAZ D . 4.73 1.61 1.36
H54 NAZ D . 3.80 2.32 2.50
H55 NAZ D . 3.14 1.49 -0.95
H56 NAZ D . -2.95 2.58 -6.61
H35 NAZ D . -3.08 -0.31 -3.39
H57 NAZ D . -1.01 3.36 -5.95
H58 NAZ D . 2.02 2.36 -2.39
H59 NAZ D . 0.94 3.28 -4.30
C1 NAZ C . 0.46 -0.69 2.15
O2 NAZ C . 0.94 -1.63 4.71
C3 NAZ C . 2.75 -4.27 3.29
N4 NAZ C . 3.02 -3.92 1.88
C5 NAZ C . 1.97 -4.17 0.88
C6 NAZ C . 2.66 -4.57 -0.46
C7 NAZ C . 2.85 -3.40 -1.40
C8 NAZ C . 1.98 -2.05 -3.30
C9 NAZ C . 3.00 -1.13 -3.23
N10 NAZ C . 1.03 -1.94 -4.30
C11 NAZ C . 3.08 -0.11 -4.18
C12 NAZ C . 1.10 -0.93 -5.24
C13 NAZ C . 2.12 0.00 -5.18
C14 NAZ C . 1.25 1.12 -7.12
C15 NAZ C . 2.20 1.01 -6.12
C16 NAZ C . 0.22 0.21 -7.19
N17 NAZ C . 0.14 -0.81 -6.26
N18 NAZ C . 1.85 -3.13 -2.35
C19 NAZ C . -0.82 0.33 -8.28
O20 NAZ C . 3.71 -2.58 -1.17
C21 NAZ C . 2.76 -3.02 4.17
C22 NAZ C . 1.60 -2.12 3.82
N23 NAZ C . 1.58 -1.55 2.55
C24 NAZ C . -5.51 -1.19 0.49
C25 NAZ C . -5.84 -2.32 1.39
N26 NAZ C . -4.22 -0.67 0.48
C27 NAZ C . -4.88 -2.84 2.19
C28 NAZ C . -3.22 -1.22 1.32
C29 NAZ C . -3.52 -2.28 2.16
C30 NAZ C . -1.26 -2.30 2.97
C31 NAZ C . -2.54 -2.82 2.98
C32 NAZ C . -0.95 -1.25 2.14
N33 NAZ C . -1.93 -0.71 1.32
O34 NAZ C . -6.37 -0.71 -0.22
H36 NAZ C . 0.47 0.07 2.80
H37 NAZ C . 0.68 -0.34 1.24
H38 NAZ C . 3.46 -4.91 3.57
H39 NAZ C . 1.86 -4.72 3.33
H40 NAZ C . 3.95 -3.69 1.59
H41 NAZ C . 1.45 -3.34 0.77
H42 NAZ C . 1.39 -4.91 1.20
H43 NAZ C . 2.11 -5.26 -0.93
H44 NAZ C . 3.56 -4.95 -0.26
H45 NAZ C . 3.70 -1.19 -2.51
H46 NAZ C . 3.82 0.56 -4.12
H47 NAZ C . 1.30 1.86 -7.80
H48 NAZ C . 2.94 1.68 -6.07
H49 NAZ C . 1.01 -3.67 -2.35
H50 NAZ C . -0.81 1.26 -8.65
H51 NAZ C . -1.72 0.12 -7.91
H52 NAZ C . -0.60 -0.33 -9.01
H53 NAZ C . 2.69 -3.28 5.13
H54 NAZ C . 3.62 -2.51 4.03
H55 NAZ C . 2.45 -1.33 2.17
H56 NAZ C . -6.74 -2.76 1.47
H35 NAZ C . -3.98 0.17 -0.18
H57 NAZ C . -5.18 -3.60 2.76
H58 NAZ C . -0.56 -2.69 3.56
H59 NAZ C . -2.77 -3.59 3.58
C1 NAZ D . 1.92 0.94 -0.76
O2 NAZ D . 3.16 0.81 1.67
C3 NAZ D . 4.19 4.13 1.23
N4 NAZ D . 3.10 4.49 2.18
C5 NAZ D . 2.22 5.64 1.91
C6 NAZ D . 0.86 5.14 1.39
C7 NAZ D . 0.30 3.96 2.15
C8 NAZ D . -1.68 2.65 2.74
C9 NAZ D . -0.98 1.75 3.51
N10 NAZ D . -3.05 2.50 2.60
C11 NAZ D . -1.66 0.71 4.15
C12 NAZ D . -3.74 1.49 3.23
C13 NAZ D . -3.04 0.57 4.00
C14 NAZ D . -5.12 -0.57 4.47
C15 NAZ D . -3.74 -0.45 4.63
C16 NAZ D . -5.80 0.34 3.69
N17 NAZ D . -5.11 1.36 3.07
N18 NAZ D . -1.07 3.72 2.05
C19 NAZ D . -7.29 0.22 3.52
O20 NAZ D . 0.94 3.49 3.08
C21 NAZ D . 4.58 2.65 1.42
C22 NAZ D . 3.44 1.77 0.99
N23 NAZ D . 3.05 1.79 -0.33
C24 NAZ D . -2.70 1.29 -4.96
C25 NAZ D . -2.12 2.39 -5.75
N26 NAZ D . -2.02 0.81 -3.84
C27 NAZ D . -0.94 2.91 -5.39
C28 NAZ D . -0.77 1.36 -3.46
C29 NAZ D . -0.22 2.40 -4.21
C30 NAZ D . 1.68 2.45 -2.73
C31 NAZ D . 1.00 2.94 -3.84
C32 NAZ D . 1.14 1.43 -1.97
N33 NAZ D . -0.09 0.88 -2.35
O34 NAZ D . -3.77 0.81 -5.28
H36 NAZ D . 1.31 0.87 0.01
H37 NAZ D . 2.31 0.04 -0.98
H38 NAZ D . 4.97 4.73 1.41
H39 NAZ D . 3.85 4.30 0.30
H40 NAZ D . 2.91 3.90 2.96
H41 NAZ D . 2.10 6.16 2.76
H42 NAZ D . 2.66 6.23 1.23
H43 NAZ D . 0.95 4.85 0.43
H44 NAZ D . 0.19 5.88 1.44
H45 NAZ D . 0.01 1.83 3.61
H46 NAZ D . -1.13 0.06 4.71
H47 NAZ D . -5.62 -1.30 4.91
H48 NAZ D . -3.25 -1.11 5.19
H49 NAZ D . -1.65 4.43 1.66
H50 NAZ D . -7.63 -0.52 4.12
H51 NAZ D . -7.50 0.00 2.57
H52 NAZ D . -7.73 1.08 3.78
H53 NAZ D . 5.39 2.45 0.86
H54 NAZ D . 4.80 2.48 2.37
H55 NAZ D . 3.69 2.13 -1.03
H56 NAZ D . -2.54 2.79 -6.57
H35 NAZ D . -2.46 -0.01 -3.25
H57 NAZ D . -0.60 3.65 -5.97
H58 NAZ D . 2.55 2.86 -2.47
H59 NAZ D . 1.39 3.68 -4.38
C1 NAZ C . 0.35 -0.73 2.07
O2 NAZ C . 0.77 -1.63 4.65
C3 NAZ C . 2.56 -4.33 3.29
N4 NAZ C . 2.88 -3.99 1.90
C5 NAZ C . 1.84 -4.15 0.87
C6 NAZ C . 2.51 -4.59 -0.45
C7 NAZ C . 2.78 -3.44 -1.41
C8 NAZ C . 1.99 -2.05 -3.29
C9 NAZ C . 3.07 -1.17 -3.22
N10 NAZ C . 1.06 -1.90 -4.32
C11 NAZ C . 3.20 -0.17 -4.17
C12 NAZ C . 1.20 -0.89 -5.26
C13 NAZ C . 2.27 -0.03 -5.19
C14 NAZ C . 1.48 1.13 -7.16
C15 NAZ C . 2.41 0.98 -6.14
C16 NAZ C . 0.40 0.26 -7.23
N17 NAZ C . 0.26 -0.75 -6.29
N18 NAZ C . 1.80 -3.11 -2.35
C19 NAZ C . -0.61 0.41 -8.34
O20 NAZ C . 3.68 -2.67 -1.15
C21 NAZ C . 2.57 -3.07 4.18
C22 NAZ C . 1.43 -2.16 3.78
N23 NAZ C . 1.44 -1.61 2.50
C24 NAZ C . -5.64 -1.06 0.44
C25 NAZ C . -5.99 -2.18 1.33
N26 NAZ C . -4.33 -0.59 0.42
C27 NAZ C . -5.05 -2.73 2.12
C28 NAZ C . -3.34 -1.16 1.25
C29 NAZ C . -3.67 -2.22 2.09
C30 NAZ C . -1.42 -2.29 2.89
C31 NAZ C . -2.71 -2.77 2.91
C32 NAZ C . -1.07 -1.24 2.05
N33 NAZ C . -2.05 -0.69 1.23
O34 NAZ C . -6.48 -0.57 -0.28
H36 NAZ C . 0.37 0.05 2.68
H37 NAZ C . 0.59 -0.42 1.15
H38 NAZ C . 3.24 -4.98 3.60
H39 NAZ C . 1.66 -4.76 3.31
H40 NAZ C . 3.82 -3.80 1.63
H41 NAZ C . 1.38 -3.29 0.77
H42 NAZ C . 1.19 -4.84 1.19
H43 NAZ C . 1.92 -5.24 -0.92
H44 NAZ C . 3.39 -5.02 -0.24
H45 NAZ C . 3.75 -1.27 -2.49
H46 NAZ C . 3.98 0.46 -4.11
H47 NAZ C . 1.58 1.84 -7.83
H48 NAZ C . 3.17 1.60 -6.08
H49 NAZ C . 0.94 -3.63 -2.36
H50 NAZ C . -0.31 1.13 -8.97
H51 NAZ C . -1.49 0.65 -7.95
H52 NAZ C . -0.68 -0.45 -8.84
H53 NAZ C . 2.47 -3.33 5.14
H54 NAZ C . 3.43 -2.57 4.05
H55 NAZ C . 2.32 -1.43 2.11
H56 NAZ C . -6.90 -2.59 1.42
H35 NAZ C . -4.06 0.25 -0.25
H57 NAZ C . -5.36 -3.47 2.70
H58 NAZ C . -0.72 -2.69 3.48
H59 NAZ C . -2.95 -3.53 3.52
C1 NAZ D . 1.89 0.83 -0.74
O2 NAZ D . 2.50 1.39 1.88
C3 NAZ D . 4.46 4.08 0.60
N4 NAZ D . 3.12 4.66 0.33
C5 NAZ D . 2.34 5.27 1.43
C6 NAZ D . 0.83 5.02 1.16
C7 NAZ D . 0.27 3.88 1.96
C8 NAZ D . -1.74 2.63 2.61
C9 NAZ D . -1.03 1.73 3.41
N10 NAZ D . -3.11 2.51 2.51
C11 NAZ D . -1.72 0.73 4.06
C12 NAZ D . -3.80 1.52 3.15
C13 NAZ D . -3.11 0.61 3.95
C14 NAZ D . -5.20 -0.48 4.45
C15 NAZ D . -3.82 -0.39 4.59
C16 NAZ D . -5.88 0.42 3.66
N17 NAZ D . -5.17 1.42 3.02
N18 NAZ D . -1.10 3.69 1.91
C19 NAZ D . -7.37 0.32 3.52
O20 NAZ D . 0.90 3.48 2.91
C21 NAZ D . 4.33 2.82 1.49
C22 NAZ D . 3.15 1.98 1.05
N23 NAZ D . 3.04 1.63 -0.28
C24 NAZ D . -2.55 1.47 -5.09
C25 NAZ D . -1.88 2.55 -5.85
N26 NAZ D . -1.95 0.95 -3.95
C27 NAZ D . -0.68 3.00 -5.43
C28 NAZ D . -0.68 1.42 -3.52
C29 NAZ D . -0.04 2.43 -4.23
C30 NAZ D . 1.79 2.37 -2.68
C31 NAZ D . 1.19 2.89 -3.81
C32 NAZ D . 1.17 1.36 -1.97
N33 NAZ D . -0.07 0.89 -2.39
O34 NAZ D . -3.63 1.07 -5.46
H36 NAZ D . 1.25 0.78 0.02
H37 NAZ D . 2.24 -0.09 -0.94
H38 NAZ D . 5.02 4.77 1.06
H39 NAZ D . 4.88 3.84 -0.28
H40 NAZ D . 2.81 4.75 -0.61
H41 NAZ D . 2.62 4.86 2.30
H42 NAZ D . 2.55 6.25 1.46
H43 NAZ D . 0.72 4.80 0.19
H44 NAZ D . 0.30 5.84 1.38
H45 NAZ D . -0.04 1.82 3.49
H46 NAZ D . -1.20 0.08 4.63
H47 NAZ D . -5.70 -1.19 4.91
H48 NAZ D . -3.34 -1.04 5.17
H49 NAZ D . -1.68 4.43 1.55
H50 NAZ D . -7.80 0.42 4.41
H51 NAZ D . -7.60 -0.58 3.13
H52 NAZ D . -7.69 1.03 2.89
H53 NAZ D . 5.16 2.26 1.44
H54 NAZ D . 4.19 3.10 2.45
H55 NAZ D . 3.81 1.79 -0.91
H56 NAZ D . -2.23 2.99 -6.67
H35 NAZ D . -2.47 0.14 -3.40
H57 NAZ D . -0.28 3.73 -5.99
H58 NAZ D . 2.68 2.71 -2.39
H59 NAZ D . 1.65 3.63 -4.32
C1 NAZ C . 0.02 -0.94 1.88
O2 NAZ C . 0.47 -1.70 4.49
C3 NAZ C . 2.17 -4.51 3.28
N4 NAZ C . 2.54 -4.27 1.88
C5 NAZ C . 1.51 -4.36 0.84
C6 NAZ C . 2.19 -4.76 -0.49
C7 NAZ C . 2.37 -3.60 -1.46
C8 NAZ C . 1.51 -2.29 -3.36
C9 NAZ C . 2.52 -1.33 -3.31
N10 NAZ C . 0.56 -2.20 -4.38
C11 NAZ C . 2.57 -0.34 -4.27
C12 NAZ C . 0.62 -1.21 -5.34
C13 NAZ C . 1.63 -0.27 -5.29
C14 NAZ C . 0.75 0.80 -7.26
C15 NAZ C . 1.69 0.72 -6.25
C16 NAZ C . -0.26 -0.14 -7.31
N17 NAZ C . -0.33 -1.14 -6.35
N18 NAZ C . 1.38 -3.34 -2.41
C19 NAZ C . -1.29 -0.07 -8.42
O20 NAZ C . 3.23 -2.78 -1.22
C21 NAZ C . 2.23 -3.20 4.08
C22 NAZ C . 1.10 -2.28 3.65
N23 NAZ C . 1.10 -1.82 2.34
C24 NAZ C . -6.02 -1.22 0.39
C25 NAZ C . -6.35 -2.38 1.26
N26 NAZ C . -4.71 -0.74 0.36
C27 NAZ C . -5.38 -2.95 2.01
C28 NAZ C . -3.70 -1.35 1.14
C29 NAZ C . -4.01 -2.43 1.96
C30 NAZ C . -1.72 -2.53 2.69
C31 NAZ C . -3.02 -3.02 2.73
C32 NAZ C . -1.41 -1.45 1.89
N33 NAZ C . -2.40 -0.87 1.11
O34 NAZ C . -6.88 -0.70 -0.28
H36 NAZ C . 0.05 -0.16 2.48
H37 NAZ C . 0.26 -0.66 0.95
H38 NAZ C . 2.81 -5.18 3.64
H39 NAZ C . 1.24 -4.89 3.30
H40 NAZ C . 3.46 -3.95 1.65
H41 NAZ C . 1.07 -3.47 0.76
H42 NAZ C . 0.83 -5.04 1.11
H43 NAZ C . 1.64 -5.45 -0.97
H44 NAZ C . 3.09 -5.14 -0.29
H45 NAZ C . 3.20 -1.37 -2.59
H46 NAZ C . 3.32 0.34 -4.23
H47 NAZ C . 0.80 1.52 -7.94
H48 NAZ C . 2.41 1.41 -6.21
H49 NAZ C . 0.56 -3.90 -2.40
H50 NAZ C . -1.86 -0.89 -8.39
H51 NAZ C . -0.83 -0.01 -9.30
H52 NAZ C . -1.86 0.74 -8.29
H53 NAZ C . 2.14 -3.40 5.06
H54 NAZ C . 3.10 -2.74 3.92
H55 NAZ C . 1.97 -1.71 1.91
H56 NAZ C . -7.25 -2.78 1.36
H35 NAZ C . -4.47 0.12 -0.30
H57 NAZ C . -5.68 -3.72 2.57
H58 NAZ C . -1.02 -2.95 3.24
H59 NAZ C . -3.24 -3.80 3.32
C1 NAZ D . 1.43 0.89 -1.03
O2 NAZ D . 2.71 0.63 1.37
C3 NAZ D . 3.85 3.92 1.05
N4 NAZ D . 2.81 4.23 2.05
C5 NAZ D . 1.92 5.39 1.86
C6 NAZ D . 0.54 4.91 1.33
C7 NAZ D . -0.02 3.72 2.07
C8 NAZ D . -2.01 2.43 2.66
C9 NAZ D . -1.30 1.47 3.37
N10 NAZ D . -3.38 2.33 2.58
C11 NAZ D . -1.98 0.43 3.98
C12 NAZ D . -4.07 1.31 3.18
C13 NAZ D . -3.38 0.35 3.89
C14 NAZ D . -5.46 -0.75 4.39
C15 NAZ D . -4.08 -0.68 4.50
C16 NAZ D . -6.14 0.21 3.68
N17 NAZ D . -5.45 1.24 3.08
N18 NAZ D . -1.38 3.51 2.00
C19 NAZ D . -7.64 0.14 3.58
O20 NAZ D . 0.65 3.19 2.94
C21 NAZ D . 4.22 2.42 1.13
C22 NAZ D . 3.05 1.58 0.70
N23 NAZ D . 2.58 1.70 -0.60
C24 NAZ D . -3.24 1.30 -5.16
C25 NAZ D . -2.62 2.35 -6.01
N26 NAZ D . -2.57 0.83 -4.04
C27 NAZ D . -1.41 2.83 -5.67
C28 NAZ D . -1.28 1.33 -3.70
C29 NAZ D . -0.71 2.32 -4.48
C30 NAZ D . 1.22 2.36 -3.05
C31 NAZ D . 0.54 2.83 -4.15
C32 NAZ D . 0.65 1.37 -2.24
N33 NAZ D . -0.60 0.87 -2.58
O34 NAZ D . -4.33 0.86 -5.45
H36 NAZ D . 0.80 0.83 -0.26
H37 NAZ D . 1.78 -0.03 -1.23
H38 NAZ D . 4.65 4.49 1.23
H39 NAZ D . 3.49 4.14 0.14
H40 NAZ D . 2.63 3.59 2.79
H41 NAZ D . 1.81 5.86 2.73
H42 NAZ D . 2.35 6.02 1.20
H43 NAZ D . 0.63 4.66 0.37
H44 NAZ D . -0.11 5.65 1.40
H45 NAZ D . -0.30 1.53 3.42
H46 NAZ D . -1.47 -0.26 4.49
H47 NAZ D . -5.96 -1.48 4.82
H48 NAZ D . -3.60 -1.38 5.01
H49 NAZ D . -1.97 4.25 1.65
H50 NAZ D . -8.01 -0.25 4.42
H51 NAZ D . -7.89 -0.44 2.80
H52 NAZ D . -8.01 1.05 3.44
H53 NAZ D . 5.00 2.24 0.54
H54 NAZ D . 4.46 2.19 2.08
H55 NAZ D . 3.18 2.11 -1.29
H56 NAZ D . -3.04 2.74 -6.82
H35 NAZ D . -3.03 0.05 -3.42
H57 NAZ D . -1.05 3.53 -6.28
H58 NAZ D . 2.11 2.73 -2.83
H59 NAZ D . 0.94 3.53 -4.73
#